data_6I49
#
_entry.id   6I49
#
_cell.length_a   167.313
_cell.length_b   89.178
_cell.length_c   35.383
_cell.angle_alpha   90.000
_cell.angle_beta   90.000
_cell.angle_gamma   90.000
#
_symmetry.space_group_name_H-M   'P 21 21 2'
#
loop_
_entity.id
_entity.type
_entity.pdbx_description
1 polymer 'UDP-3-O-acyl-N-acetylglucosamine deacetylase'
2 non-polymer 'ZINC ION'
3 non-polymer (2~{R})-2-methyl-2-methylsulfonyl-4-[6-[2-[4-(morpholin-4-ylmethyl)phenyl]ethynyl]-3-oxidanylidene-1~{H}-pyrrolo[1,2-c]imidazol-2-yl]-~{N}-oxidanyl-butanamide
4 water water
#
_entity_poly.entity_id   1
_entity_poly.type   'polypeptide(L)'
_entity_poly.pdbx_seq_one_letter_code
;MIKQRTLKNIIRATGVGLHSGEKVYLTLKPAPVDTGIVFSRTDLDPVVEIPARAENVGETTMSTTLVKGDVKVDTVEHLL
SAMAGLGIDNAYVELSASEVPIMDGSAGPFVFLIQSAGLQEQEAAKKFIRIKREVSVEEGDKRAVFVPFDGFKVSFEIDF
DHPVFRGRTQQASVDFSSTSFVKEVSRARTFGFMRDIEYLRSQNLALGGSVENAIVVDENRVLNEDGLRYEDEFVKHKIL
DAIGDLYLLGNSLIGEFRGFKSGHALNNQLLRTLIADKDAWEVVTFEDARTAPISYMRP
;
_entity_poly.pdbx_strand_id   AAA,BBB
#
loop_
_chem_comp.id
_chem_comp.type
_chem_comp.name
_chem_comp.formula
H2Z non-polymer (2~{R})-2-methyl-2-methylsulfonyl-4-[6-[2-[4-(morpholin-4-ylmethyl)phenyl]ethynyl]-3-oxidanylidene-1~{H}-pyrrolo[1,2-c]imidazol-2-yl]-~{N}-oxidanyl-butanamide 'C25 H30 N4 O6 S'
ZN non-polymer 'ZINC ION' 'Zn 2'
#
# COMPACT_ATOMS: atom_id res chain seq x y z
N MET A 1 -5.84 25.43 -7.85
CA MET A 1 -6.42 24.04 -7.99
C MET A 1 -5.54 23.25 -8.95
N ILE A 2 -5.50 21.93 -8.84
CA ILE A 2 -4.91 21.11 -9.93
C ILE A 2 -5.89 21.13 -11.11
N LYS A 3 -5.36 21.49 -12.26
CA LYS A 3 -6.13 21.79 -13.48
C LYS A 3 -6.09 20.60 -14.44
N GLN A 4 -7.17 20.42 -15.21
CA GLN A 4 -7.14 19.51 -16.37
C GLN A 4 -6.05 19.96 -17.35
N ARG A 5 -5.43 18.98 -18.03
CA ARG A 5 -4.39 19.24 -19.06
C ARG A 5 -4.80 18.66 -20.41
N THR A 6 -4.44 19.38 -21.44
CA THR A 6 -4.54 18.96 -22.85
C THR A 6 -3.19 19.32 -23.47
N LEU A 7 -3.09 19.18 -24.76
CA LEU A 7 -1.87 19.51 -25.52
C LEU A 7 -1.85 21.02 -25.84
N LYS A 8 -0.68 21.61 -25.90
CA LYS A 8 -0.51 23.05 -26.23
C LYS A 8 -0.58 23.15 -27.74
N ASN A 9 -0.16 22.12 -28.43
CA ASN A 9 0.06 22.11 -29.88
C ASN A 9 -0.32 20.74 -30.38
N ILE A 10 -0.61 20.67 -31.67
CA ILE A 10 -0.88 19.38 -32.35
C ILE A 10 0.43 18.57 -32.42
N ILE A 11 0.33 17.26 -32.28
CA ILE A 11 1.49 16.33 -32.33
C ILE A 11 1.19 15.34 -33.42
N ARG A 12 2.19 14.96 -34.16
CA ARG A 12 2.00 14.04 -35.31
C ARG A 12 3.10 13.00 -35.26
N ALA A 13 2.73 11.78 -35.55
CA ALA A 13 3.64 10.63 -35.60
C ALA A 13 3.18 9.74 -36.75
N THR A 14 4.14 8.98 -37.26
CA THR A 14 3.91 8.01 -38.31
C THR A 14 4.49 6.73 -37.76
N GLY A 15 3.87 5.60 -38.01
CA GLY A 15 4.54 4.31 -37.85
C GLY A 15 3.79 3.18 -38.44
N VAL A 16 3.98 2.01 -37.85
CA VAL A 16 3.33 0.75 -38.27
C VAL A 16 2.61 0.14 -37.06
N GLY A 17 1.46 -0.45 -37.32
CA GLY A 17 0.77 -1.29 -36.32
C GLY A 17 1.59 -2.52 -36.04
N LEU A 18 1.88 -2.83 -34.78
CA LEU A 18 2.56 -4.06 -34.38
C LEU A 18 1.85 -5.31 -34.93
N HIS A 19 0.54 -5.42 -34.72
CA HIS A 19 -0.24 -6.64 -35.08
C HIS A 19 -0.60 -6.63 -36.61
N SER A 20 -1.14 -5.53 -37.11
CA SER A 20 -1.68 -5.33 -38.49
C SER A 20 -0.53 -5.17 -39.49
N GLY A 21 0.58 -4.57 -39.08
CA GLY A 21 1.64 -4.17 -40.00
C GLY A 21 1.24 -3.03 -40.95
N GLU A 22 0.15 -2.32 -40.69
CA GLU A 22 -0.31 -1.20 -41.55
C GLU A 22 0.42 0.09 -41.13
N LYS A 23 0.83 0.88 -42.07
CA LYS A 23 1.30 2.26 -41.88
C LYS A 23 0.14 3.12 -41.38
N VAL A 24 0.38 3.90 -40.37
CA VAL A 24 -0.67 4.68 -39.70
C VAL A 24 -0.09 6.06 -39.35
N TYR A 25 -0.90 7.08 -39.61
CA TYR A 25 -0.70 8.45 -39.19
C TYR A 25 -1.51 8.71 -37.93
N LEU A 26 -0.81 9.23 -36.95
CA LEU A 26 -1.35 9.51 -35.63
C LEU A 26 -1.25 11.00 -35.49
N THR A 27 -2.34 11.61 -35.05
CA THR A 27 -2.38 13.04 -34.83
C THR A 27 -3.04 13.25 -33.48
N LEU A 28 -2.31 13.80 -32.55
CA LEU A 28 -2.82 14.19 -31.22
C LEU A 28 -3.22 15.66 -31.27
N LYS A 29 -4.46 16.00 -30.97
CA LYS A 29 -4.89 17.40 -30.89
C LYS A 29 -5.43 17.73 -29.49
N PRO A 30 -5.31 19.00 -29.11
CA PRO A 30 -5.98 19.53 -27.95
C PRO A 30 -7.47 19.25 -28.01
N ALA A 31 -8.07 19.27 -26.85
CA ALA A 31 -9.49 18.95 -26.70
C ALA A 31 -10.02 19.72 -25.52
N PRO A 32 -11.32 20.02 -25.56
CA PRO A 32 -11.91 20.75 -24.45
C PRO A 32 -11.92 20.01 -23.09
N VAL A 33 -12.19 20.76 -22.08
CA VAL A 33 -12.33 20.27 -20.69
C VAL A 33 -13.35 19.15 -20.64
N ASP A 34 -13.09 18.09 -19.84
CA ASP A 34 -14.01 16.97 -19.61
C ASP A 34 -14.27 16.19 -20.91
N THR A 35 -13.46 16.29 -21.94
CA THR A 35 -13.58 15.41 -23.11
C THR A 35 -13.07 13.99 -22.80
N GLY A 36 -11.96 13.93 -22.06
CA GLY A 36 -11.21 12.68 -21.92
C GLY A 36 -10.32 12.50 -23.12
N ILE A 37 -9.75 11.30 -23.24
CA ILE A 37 -8.99 10.88 -24.44
C ILE A 37 -10.01 10.23 -25.39
N VAL A 38 -10.05 10.69 -26.64
CA VAL A 38 -11.04 10.21 -27.63
C VAL A 38 -10.33 9.96 -28.95
N PHE A 39 -10.27 8.69 -29.28
CA PHE A 39 -9.69 8.17 -30.53
C PHE A 39 -10.69 8.44 -31.64
N SER A 40 -10.17 8.80 -32.79
CA SER A 40 -10.98 9.14 -34.00
C SER A 40 -10.38 8.32 -35.11
N ARG A 41 -11.18 7.58 -35.85
CA ARG A 41 -10.71 6.91 -37.10
C ARG A 41 -11.03 7.89 -38.24
N THR A 42 -10.00 8.59 -38.75
CA THR A 42 -10.20 9.67 -39.77
C THR A 42 -10.25 9.05 -41.18
N ASP A 43 -9.91 7.79 -41.32
CA ASP A 43 -10.00 7.04 -42.57
C ASP A 43 -11.44 6.61 -42.85
N LEU A 44 -12.39 6.78 -41.94
CA LEU A 44 -13.79 6.31 -42.12
C LEU A 44 -14.68 7.50 -42.38
N ASP A 45 -15.87 7.27 -43.00
CA ASP A 45 -17.02 8.18 -43.26
C ASP A 45 -18.29 7.49 -42.75
N PRO A 46 -18.95 8.10 -41.73
CA PRO A 46 -18.40 9.25 -41.02
C PRO A 46 -17.25 8.78 -40.08
N VAL A 47 -16.44 9.75 -39.65
CA VAL A 47 -15.30 9.58 -38.73
C VAL A 47 -15.92 9.03 -37.47
N VAL A 48 -15.30 8.00 -36.90
CA VAL A 48 -15.87 7.30 -35.73
C VAL A 48 -14.99 7.60 -34.53
N GLU A 49 -15.61 8.15 -33.49
CA GLU A 49 -15.00 8.63 -32.27
C GLU A 49 -15.19 7.53 -31.24
N ILE A 50 -14.09 7.11 -30.61
CA ILE A 50 -14.18 6.09 -29.52
C ILE A 50 -13.49 6.63 -28.28
N PRO A 51 -14.24 7.08 -27.29
CA PRO A 51 -13.61 7.45 -26.01
C PRO A 51 -12.70 6.30 -25.53
N ALA A 52 -11.55 6.65 -25.01
CA ALA A 52 -10.63 5.71 -24.32
C ALA A 52 -11.20 5.44 -22.96
N ARG A 53 -12.23 4.64 -22.91
CA ARG A 53 -12.90 4.29 -21.65
C ARG A 53 -13.10 2.78 -21.56
N ALA A 54 -13.13 2.25 -20.34
CA ALA A 54 -13.24 0.78 -20.07
C ALA A 54 -14.42 0.16 -20.81
N GLU A 55 -15.53 0.87 -20.80
CA GLU A 55 -16.77 0.48 -21.49
C GLU A 55 -16.58 0.27 -22.97
N ASN A 56 -15.52 0.75 -23.61
CA ASN A 56 -15.34 0.65 -25.10
C ASN A 56 -14.26 -0.35 -25.38
N VAL A 57 -13.89 -1.10 -24.36
CA VAL A 57 -12.84 -2.12 -24.60
C VAL A 57 -13.52 -3.28 -25.27
N GLY A 58 -12.96 -3.81 -26.35
CA GLY A 58 -13.36 -5.11 -26.95
C GLY A 58 -12.36 -6.19 -26.56
N GLU A 59 -11.55 -6.59 -27.50
CA GLU A 59 -10.57 -7.70 -27.53
C GLU A 59 -9.47 -7.26 -26.58
N THR A 60 -8.96 -8.21 -25.83
CA THR A 60 -7.80 -8.02 -24.92
C THR A 60 -6.87 -9.21 -25.07
N THR A 61 -6.68 -9.67 -26.30
CA THR A 61 -5.66 -10.66 -26.74
C THR A 61 -4.44 -9.91 -27.30
N MET A 62 -3.34 -9.95 -26.59
CA MET A 62 -2.02 -9.40 -27.00
C MET A 62 -2.06 -7.89 -27.11
N SER A 63 -3.16 -7.25 -26.75
CA SER A 63 -3.25 -5.77 -26.77
C SER A 63 -4.53 -5.37 -26.09
N THR A 64 -4.72 -4.08 -25.84
CA THR A 64 -6.03 -3.53 -25.45
C THR A 64 -6.57 -2.84 -26.72
N THR A 65 -7.75 -3.24 -27.12
CA THR A 65 -8.47 -2.81 -28.33
C THR A 65 -9.72 -2.06 -27.87
N LEU A 66 -9.95 -0.88 -28.40
CA LEU A 66 -11.25 -0.20 -28.23
C LEU A 66 -12.11 -0.55 -29.45
N VAL A 67 -13.43 -0.63 -29.25
CA VAL A 67 -14.43 -0.90 -30.31
C VAL A 67 -15.66 0.00 -30.15
N LYS A 68 -16.18 0.55 -31.25
CA LYS A 68 -17.52 1.21 -31.35
C LYS A 68 -18.16 0.53 -32.56
N GLY A 69 -19.13 -0.34 -32.36
CA GLY A 69 -19.68 -1.00 -33.57
C GLY A 69 -18.66 -2.01 -33.99
N ASP A 70 -18.21 -2.01 -35.21
CA ASP A 70 -17.09 -2.90 -35.60
C ASP A 70 -15.84 -2.08 -35.89
N VAL A 71 -15.88 -0.80 -35.58
CA VAL A 71 -14.71 0.09 -35.72
C VAL A 71 -13.80 -0.19 -34.52
N LYS A 72 -12.58 -0.57 -34.79
CA LYS A 72 -11.57 -0.95 -33.80
C LYS A 72 -10.50 0.15 -33.76
N VAL A 73 -9.96 0.39 -32.57
CA VAL A 73 -8.65 1.04 -32.41
C VAL A 73 -7.83 0.10 -31.52
N ASP A 74 -6.86 -0.55 -32.13
CA ASP A 74 -6.02 -1.57 -31.50
C ASP A 74 -4.72 -0.96 -30.91
N THR A 75 -4.24 -1.61 -29.88
CA THR A 75 -2.92 -1.34 -29.24
C THR A 75 -2.92 0.09 -28.68
N VAL A 76 -3.90 0.39 -27.82
CA VAL A 76 -3.97 1.77 -27.28
C VAL A 76 -3.10 1.84 -26.02
N GLU A 77 -2.65 0.73 -25.47
CA GLU A 77 -2.05 0.74 -24.10
C GLU A 77 -0.75 1.58 -23.98
N HIS A 78 0.14 1.65 -24.94
CA HIS A 78 1.45 2.34 -24.75
C HIS A 78 1.20 3.86 -24.84
N LEU A 79 0.38 4.26 -25.79
CA LEU A 79 0.02 5.68 -25.95
C LEU A 79 -0.76 6.19 -24.72
N LEU A 80 -1.71 5.42 -24.24
CA LEU A 80 -2.50 5.81 -23.03
C LEU A 80 -1.60 5.84 -21.82
N SER A 81 -0.59 4.96 -21.77
CA SER A 81 0.39 4.96 -20.65
C SER A 81 1.09 6.34 -20.68
N ALA A 82 1.54 6.78 -21.86
CA ALA A 82 2.24 8.10 -22.04
C ALA A 82 1.32 9.22 -21.58
N MET A 83 0.05 9.19 -22.03
N MET A 83 0.06 9.18 -22.01
CA MET A 83 -1.00 10.18 -21.69
CA MET A 83 -0.95 10.20 -21.68
C MET A 83 -1.18 10.24 -20.17
C MET A 83 -1.20 10.24 -20.17
N ALA A 84 -1.30 9.08 -19.54
CA ALA A 84 -1.48 8.95 -18.08
C ALA A 84 -0.23 9.45 -17.37
N GLY A 85 0.92 9.02 -17.81
CA GLY A 85 2.18 9.38 -17.15
C GLY A 85 2.46 10.86 -17.30
N LEU A 86 1.88 11.58 -18.28
CA LEU A 86 2.15 13.06 -18.35
C LEU A 86 0.94 13.88 -17.85
N GLY A 87 -0.13 13.20 -17.47
CA GLY A 87 -1.31 13.82 -16.86
C GLY A 87 -2.17 14.48 -17.87
N ILE A 88 -2.24 13.93 -19.08
CA ILE A 88 -3.19 14.49 -20.06
C ILE A 88 -4.60 14.00 -19.75
N ASP A 89 -5.51 14.95 -19.57
CA ASP A 89 -6.95 14.67 -19.31
C ASP A 89 -7.66 14.62 -20.62
N ASN A 90 -7.40 15.60 -21.46
CA ASN A 90 -8.24 15.79 -22.66
C ASN A 90 -7.42 15.82 -23.93
N ALA A 91 -7.81 15.03 -24.92
CA ALA A 91 -7.03 14.93 -26.18
C ALA A 91 -7.81 14.12 -27.21
N TYR A 92 -7.72 14.56 -28.47
CA TYR A 92 -8.30 13.76 -29.59
C TYR A 92 -7.11 13.06 -30.18
N VAL A 93 -7.26 11.77 -30.35
CA VAL A 93 -6.24 10.93 -31.00
C VAL A 93 -6.80 10.45 -32.36
N GLU A 94 -6.33 11.06 -33.44
CA GLU A 94 -6.77 10.70 -34.82
C GLU A 94 -5.83 9.67 -35.37
N LEU A 95 -6.40 8.62 -35.92
CA LEU A 95 -5.64 7.54 -36.55
C LEU A 95 -6.15 7.45 -38.01
N SER A 96 -5.27 7.15 -38.94
CA SER A 96 -5.63 6.84 -40.35
C SER A 96 -5.90 5.36 -40.49
N ALA A 97 -5.74 4.54 -39.47
CA ALA A 97 -5.89 3.07 -39.57
C ALA A 97 -6.22 2.50 -38.18
N SER A 98 -6.54 1.22 -38.13
CA SER A 98 -7.18 0.50 -37.01
C SER A 98 -6.22 0.26 -35.84
N GLU A 99 -4.94 0.57 -35.97
CA GLU A 99 -3.99 0.33 -34.89
C GLU A 99 -3.07 1.54 -34.66
N VAL A 100 -2.80 1.81 -33.40
CA VAL A 100 -1.85 2.82 -32.95
C VAL A 100 -0.46 2.36 -33.36
N PRO A 101 0.41 3.24 -33.89
CA PRO A 101 1.73 2.76 -34.28
C PRO A 101 2.53 2.26 -33.07
N ILE A 102 3.33 1.21 -33.29
CA ILE A 102 4.11 0.60 -32.22
C ILE A 102 5.35 1.48 -31.87
N MET A 103 5.84 2.30 -32.80
CA MET A 103 7.07 3.10 -32.62
C MET A 103 8.20 2.17 -32.17
N ASP A 104 8.86 2.40 -31.01
CA ASP A 104 10.00 1.56 -30.58
C ASP A 104 9.54 0.45 -29.64
N GLY A 105 8.20 0.29 -29.46
CA GLY A 105 7.59 -0.72 -28.57
C GLY A 105 7.49 -0.24 -27.12
N SER A 106 7.83 1.02 -26.86
CA SER A 106 7.75 1.70 -25.54
C SER A 106 6.77 2.87 -25.61
N ALA A 107 6.69 3.63 -24.54
CA ALA A 107 5.92 4.89 -24.53
C ALA A 107 6.89 6.09 -24.76
N GLY A 108 8.20 5.82 -24.89
CA GLY A 108 9.18 6.93 -24.97
C GLY A 108 8.94 7.90 -26.13
N PRO A 109 8.77 7.41 -27.39
CA PRO A 109 8.46 8.27 -28.52
C PRO A 109 7.21 9.12 -28.28
N PHE A 110 6.20 8.54 -27.64
CA PHE A 110 4.95 9.31 -27.40
C PHE A 110 5.22 10.35 -26.34
N VAL A 111 5.87 9.97 -25.23
CA VAL A 111 6.16 11.02 -24.20
C VAL A 111 6.99 12.16 -24.79
N PHE A 112 7.96 11.83 -25.60
CA PHE A 112 8.83 12.88 -26.20
C PHE A 112 7.98 13.75 -27.13
N LEU A 113 7.17 13.15 -28.02
CA LEU A 113 6.38 13.99 -28.95
C LEU A 113 5.42 14.88 -28.15
N ILE A 114 4.77 14.34 -27.14
CA ILE A 114 3.83 15.15 -26.32
C ILE A 114 4.57 16.28 -25.62
N GLN A 115 5.67 15.97 -24.93
CA GLN A 115 6.40 17.01 -24.18
C GLN A 115 7.05 18.04 -25.14
N SER A 116 7.38 17.65 -26.36
CA SER A 116 7.84 18.58 -27.41
C SER A 116 6.77 19.63 -27.64
N ALA A 117 5.51 19.21 -27.81
CA ALA A 117 4.35 20.10 -28.10
C ALA A 117 3.97 20.93 -26.87
N GLY A 118 4.21 20.41 -25.68
CA GLY A 118 3.95 21.08 -24.41
C GLY A 118 2.55 20.73 -23.96
N LEU A 119 2.29 20.83 -22.69
CA LEU A 119 0.94 20.66 -22.13
C LEU A 119 0.35 22.02 -21.85
N GLN A 120 -0.98 22.09 -21.91
CA GLN A 120 -1.77 23.29 -21.62
C GLN A 120 -2.67 22.94 -20.48
N GLU A 121 -2.51 23.61 -19.35
CA GLU A 121 -3.51 23.57 -18.28
C GLU A 121 -4.77 24.37 -18.71
N GLN A 122 -5.93 23.78 -18.49
CA GLN A 122 -7.25 24.33 -18.76
C GLN A 122 -7.95 24.78 -17.47
N GLU A 123 -9.01 25.59 -17.57
CA GLU A 123 -9.58 26.31 -16.40
C GLU A 123 -10.72 25.43 -15.92
N ALA A 124 -10.38 24.21 -15.50
CA ALA A 124 -11.30 23.27 -14.87
C ALA A 124 -10.46 22.34 -13.98
N ALA A 125 -11.08 21.89 -12.92
CA ALA A 125 -10.45 21.10 -11.87
C ALA A 125 -10.18 19.71 -12.41
N LYS A 126 -8.95 19.26 -12.30
CA LYS A 126 -8.61 17.87 -12.62
C LYS A 126 -9.38 16.93 -11.65
N LYS A 127 -10.08 15.98 -12.17
CA LYS A 127 -10.78 14.99 -11.33
C LYS A 127 -9.95 13.71 -11.27
N PHE A 128 -9.73 13.18 -10.08
CA PHE A 128 -9.02 11.93 -9.75
C PHE A 128 -10.03 10.92 -9.24
N ILE A 129 -9.73 9.64 -9.46
CA ILE A 129 -10.51 8.50 -8.90
C ILE A 129 -9.72 7.97 -7.71
N ARG A 130 -10.24 8.18 -6.51
CA ARG A 130 -9.50 7.72 -5.29
C ARG A 130 -10.05 6.35 -4.94
N ILE A 131 -9.16 5.38 -4.73
CA ILE A 131 -9.54 4.02 -4.31
C ILE A 131 -9.79 4.15 -2.81
N LYS A 132 -10.98 3.77 -2.36
CA LYS A 132 -11.44 3.84 -0.94
C LYS A 132 -11.41 2.43 -0.32
N ARG A 133 -11.59 1.45 -1.12
CA ARG A 133 -11.75 0.04 -0.66
C ARG A 133 -10.92 -0.76 -1.64
N GLU A 134 -10.20 -1.74 -1.12
CA GLU A 134 -9.46 -2.77 -1.88
C GLU A 134 -10.41 -3.43 -2.88
N VAL A 135 -10.01 -3.54 -4.13
CA VAL A 135 -10.76 -4.38 -5.07
C VAL A 135 -9.74 -5.26 -5.78
N SER A 136 -10.02 -6.53 -5.84
CA SER A 136 -9.10 -7.50 -6.47
C SER A 136 -9.92 -8.42 -7.38
N VAL A 137 -9.32 -8.80 -8.50
CA VAL A 137 -9.88 -9.80 -9.41
C VAL A 137 -8.77 -10.82 -9.63
N GLU A 138 -9.15 -12.03 -9.91
CA GLU A 138 -8.20 -13.17 -10.00
C GLU A 138 -8.74 -14.05 -11.10
N GLU A 139 -7.84 -14.73 -11.76
CA GLU A 139 -8.27 -15.76 -12.70
C GLU A 139 -7.11 -16.74 -12.73
N GLY A 140 -7.26 -17.88 -12.07
CA GLY A 140 -6.17 -18.87 -11.96
C GLY A 140 -5.09 -18.28 -11.11
N ASP A 141 -3.82 -18.24 -11.56
CA ASP A 141 -2.76 -17.68 -10.68
C ASP A 141 -2.59 -16.19 -10.99
N LYS A 142 -3.36 -15.61 -11.93
CA LYS A 142 -3.22 -14.17 -12.24
C LYS A 142 -4.05 -13.37 -11.26
N ARG A 143 -3.56 -12.23 -10.88
CA ARG A 143 -4.27 -11.38 -9.91
C ARG A 143 -4.00 -9.93 -10.26
N ALA A 144 -4.98 -9.08 -10.03
CA ALA A 144 -4.79 -7.66 -10.15
C ALA A 144 -5.62 -7.02 -9.05
N VAL A 145 -5.06 -6.05 -8.35
CA VAL A 145 -5.74 -5.47 -7.16
C VAL A 145 -5.56 -3.96 -7.15
N PHE A 146 -6.65 -3.25 -6.84
CA PHE A 146 -6.54 -1.86 -6.44
C PHE A 146 -6.56 -1.84 -4.90
N VAL A 147 -5.61 -1.13 -4.31
N VAL A 147 -5.62 -1.10 -4.32
CA VAL A 147 -5.62 -0.91 -2.84
CA VAL A 147 -5.51 -0.88 -2.87
C VAL A 147 -5.60 0.58 -2.60
C VAL A 147 -5.60 0.60 -2.61
N PRO A 148 -6.31 1.07 -1.56
CA PRO A 148 -6.19 2.44 -1.14
C PRO A 148 -4.74 2.78 -0.86
N PHE A 149 -4.38 3.99 -1.31
CA PHE A 149 -3.02 4.49 -1.22
C PHE A 149 -3.05 5.98 -1.53
N ASP A 150 -2.42 6.76 -0.67
CA ASP A 150 -2.36 8.24 -0.75
C ASP A 150 -1.23 8.62 -1.73
N GLY A 151 -1.49 8.45 -3.02
CA GLY A 151 -0.51 8.68 -4.06
C GLY A 151 -0.88 7.85 -5.25
N PHE A 152 0.13 7.42 -5.99
CA PHE A 152 -0.09 6.55 -7.15
C PHE A 152 1.10 5.66 -7.21
N LYS A 153 0.82 4.39 -7.05
CA LYS A 153 1.88 3.39 -6.92
C LYS A 153 1.45 2.18 -7.74
N VAL A 154 2.41 1.59 -8.44
CA VAL A 154 2.13 0.42 -9.27
C VAL A 154 3.19 -0.62 -8.95
N SER A 155 2.73 -1.81 -8.64
CA SER A 155 3.64 -2.94 -8.36
C SER A 155 3.24 -4.08 -9.31
N PHE A 156 4.25 -4.82 -9.79
CA PHE A 156 4.01 -5.85 -10.78
C PHE A 156 5.04 -6.94 -10.57
N GLU A 157 4.57 -8.16 -10.70
CA GLU A 157 5.41 -9.35 -10.66
C GLU A 157 5.08 -10.24 -11.84
N ILE A 158 6.12 -10.67 -12.54
CA ILE A 158 6.00 -11.67 -13.61
C ILE A 158 6.60 -12.99 -13.06
N ASP A 159 6.26 -14.10 -13.64
CA ASP A 159 6.78 -15.42 -13.23
C ASP A 159 7.12 -16.24 -14.47
N PHE A 160 8.27 -16.04 -15.07
CA PHE A 160 8.69 -16.88 -16.24
C PHE A 160 9.76 -17.85 -15.75
N ASP A 161 9.57 -19.12 -16.00
CA ASP A 161 10.61 -20.12 -15.62
C ASP A 161 11.58 -20.24 -16.82
N HIS A 162 12.57 -19.39 -16.85
CA HIS A 162 13.33 -19.05 -18.07
C HIS A 162 14.65 -18.43 -17.66
N PRO A 163 15.75 -18.78 -18.37
CA PRO A 163 17.09 -18.34 -17.97
C PRO A 163 17.26 -16.83 -17.90
N VAL A 164 16.52 -16.11 -18.70
CA VAL A 164 16.68 -14.63 -18.74
C VAL A 164 16.00 -14.04 -17.50
N PHE A 165 15.10 -14.74 -16.81
CA PHE A 165 14.19 -14.07 -15.82
C PHE A 165 14.76 -14.27 -14.42
N ARG A 166 15.00 -15.50 -14.07
CA ARG A 166 15.58 -16.01 -12.78
C ARG A 166 16.48 -14.99 -12.07
N GLY A 167 15.92 -14.27 -11.04
CA GLY A 167 16.48 -13.11 -10.25
C GLY A 167 15.38 -12.13 -9.72
N ARG A 168 15.78 -11.05 -9.00
CA ARG A 168 14.92 -9.94 -8.45
C ARG A 168 14.33 -9.06 -9.56
N THR A 169 14.83 -9.18 -10.78
CA THR A 169 14.31 -8.46 -11.96
C THR A 169 12.84 -8.85 -12.19
N GLN A 170 12.20 -9.81 -11.49
CA GLN A 170 10.79 -10.25 -11.82
C GLN A 170 9.71 -9.45 -11.03
N GLN A 171 10.07 -8.51 -10.18
CA GLN A 171 9.03 -7.73 -9.43
C GLN A 171 9.57 -6.34 -9.38
N ALA A 172 8.74 -5.35 -9.53
CA ALA A 172 9.14 -3.96 -9.30
C ALA A 172 7.93 -3.19 -8.77
N SER A 173 8.22 -2.19 -8.01
CA SER A 173 7.24 -1.32 -7.32
C SER A 173 7.62 0.11 -7.60
N VAL A 174 6.77 0.87 -8.24
CA VAL A 174 7.10 2.27 -8.56
C VAL A 174 6.07 3.16 -7.84
N ASP A 175 6.56 4.09 -7.06
CA ASP A 175 5.79 5.11 -6.34
C ASP A 175 6.07 6.39 -7.12
N PHE A 176 5.09 6.92 -7.83
CA PHE A 176 5.26 8.12 -8.69
C PHE A 176 5.46 9.43 -7.86
N SER A 177 5.33 9.42 -6.52
CA SER A 177 5.87 10.40 -5.54
C SER A 177 7.39 10.56 -5.73
N SER A 178 8.09 9.44 -5.85
CA SER A 178 9.55 9.23 -5.62
C SER A 178 10.24 9.16 -7.00
N THR A 179 9.54 8.68 -8.04
CA THR A 179 10.17 8.01 -9.22
C THR A 179 9.46 8.47 -10.47
N SER A 180 10.21 8.78 -11.48
CA SER A 180 9.70 9.52 -12.66
C SER A 180 9.13 8.48 -13.61
N PHE A 181 7.84 8.56 -13.98
CA PHE A 181 7.30 7.79 -15.12
C PHE A 181 8.27 7.87 -16.31
N VAL A 182 8.64 9.10 -16.66
CA VAL A 182 9.41 9.39 -17.91
C VAL A 182 10.72 8.60 -17.85
N LYS A 183 11.49 8.68 -16.76
CA LYS A 183 12.88 8.15 -16.68
C LYS A 183 12.87 6.64 -16.37
N GLU A 184 11.93 6.14 -15.57
CA GLU A 184 12.01 4.76 -15.03
C GLU A 184 11.07 3.80 -15.73
N VAL A 185 9.98 4.23 -16.34
CA VAL A 185 9.00 3.31 -16.99
C VAL A 185 8.88 3.58 -18.51
N SER A 186 8.88 4.85 -18.93
CA SER A 186 8.33 5.22 -20.28
C SER A 186 9.08 4.49 -21.39
N ARG A 187 10.36 4.13 -21.16
CA ARG A 187 11.26 3.63 -22.24
C ARG A 187 11.25 2.11 -22.25
N ALA A 188 10.56 1.47 -21.31
CA ALA A 188 10.49 0.01 -21.25
C ALA A 188 9.72 -0.56 -22.47
N ARG A 189 10.39 -1.32 -23.30
CA ARG A 189 9.82 -1.85 -24.57
C ARG A 189 8.98 -3.12 -24.31
N THR A 190 8.03 -3.32 -25.18
CA THR A 190 7.30 -4.57 -25.28
C THR A 190 8.24 -5.73 -25.57
N PHE A 191 7.73 -6.95 -25.31
CA PHE A 191 8.59 -8.14 -25.44
C PHE A 191 7.74 -9.30 -25.88
N GLY A 192 8.34 -10.30 -26.52
CA GLY A 192 7.65 -11.57 -26.79
C GLY A 192 8.71 -12.66 -26.86
N PHE A 193 8.25 -13.89 -26.78
CA PHE A 193 9.06 -15.12 -26.87
C PHE A 193 9.04 -15.67 -28.27
N MET A 194 10.22 -16.03 -28.78
CA MET A 194 10.43 -16.55 -30.14
C MET A 194 9.39 -17.62 -30.49
N ARG A 195 9.14 -18.62 -29.66
CA ARG A 195 8.14 -19.66 -30.06
C ARG A 195 6.73 -19.07 -30.16
N ASP A 196 6.32 -18.24 -29.22
CA ASP A 196 4.98 -17.57 -29.33
C ASP A 196 4.98 -16.66 -30.56
N ILE A 197 6.04 -15.90 -30.84
CA ILE A 197 6.05 -15.05 -32.04
C ILE A 197 5.98 -15.88 -33.28
N GLU A 198 6.72 -17.00 -33.37
CA GLU A 198 6.63 -17.90 -34.54
C GLU A 198 5.18 -18.39 -34.67
N TYR A 199 4.55 -18.75 -33.59
CA TYR A 199 3.12 -19.13 -33.63
C TYR A 199 2.29 -18.00 -34.26
N LEU A 200 2.42 -16.79 -33.73
CA LEU A 200 1.65 -15.66 -34.25
C LEU A 200 1.94 -15.47 -35.75
N ARG A 201 3.21 -15.42 -36.13
CA ARG A 201 3.62 -15.27 -37.53
C ARG A 201 2.94 -16.33 -38.36
N SER A 202 2.86 -17.58 -37.90
CA SER A 202 2.16 -18.67 -38.60
C SER A 202 0.68 -18.30 -38.84
N GLN A 203 0.11 -17.43 -38.01
CA GLN A 203 -1.30 -17.04 -38.06
C GLN A 203 -1.40 -15.69 -38.74
N ASN A 204 -0.31 -15.23 -39.36
CA ASN A 204 -0.29 -13.86 -39.96
C ASN A 204 -0.74 -12.83 -38.93
N LEU A 205 -0.38 -13.03 -37.67
CA LEU A 205 -0.44 -12.01 -36.63
C LEU A 205 0.97 -11.46 -36.45
N ALA A 206 1.14 -10.39 -35.72
CA ALA A 206 2.47 -9.80 -35.49
C ALA A 206 3.12 -9.27 -36.76
N LEU A 207 2.33 -8.80 -37.70
CA LEU A 207 2.89 -8.41 -39.01
C LEU A 207 3.76 -7.17 -38.87
N GLY A 208 3.61 -6.30 -37.87
CA GLY A 208 4.49 -5.12 -37.78
C GLY A 208 5.71 -5.35 -36.86
N GLY A 209 5.86 -6.55 -36.33
CA GLY A 209 6.82 -6.81 -35.25
C GLY A 209 8.26 -6.84 -35.75
N SER A 210 9.25 -6.42 -34.97
CA SER A 210 10.65 -6.70 -35.28
C SER A 210 11.46 -6.40 -34.04
N VAL A 211 12.75 -6.69 -34.12
CA VAL A 211 13.67 -6.38 -32.97
C VAL A 211 13.75 -4.86 -32.87
N GLU A 212 13.26 -4.07 -33.85
CA GLU A 212 13.33 -2.57 -33.77
C GLU A 212 12.13 -2.10 -32.89
N ASN A 213 11.12 -2.92 -32.64
CA ASN A 213 9.94 -2.43 -31.87
C ASN A 213 9.60 -3.39 -30.74
N ALA A 214 10.45 -4.37 -30.47
CA ALA A 214 10.19 -5.38 -29.44
C ALA A 214 11.47 -6.06 -28.98
N ILE A 215 11.46 -6.43 -27.70
CA ILE A 215 12.51 -7.31 -27.17
C ILE A 215 12.06 -8.71 -27.55
N VAL A 216 12.90 -9.43 -28.29
CA VAL A 216 12.62 -10.81 -28.68
C VAL A 216 13.48 -11.72 -27.87
N VAL A 217 12.84 -12.67 -27.21
CA VAL A 217 13.56 -13.54 -26.26
C VAL A 217 13.43 -14.95 -26.78
N ASP A 218 14.49 -15.72 -26.93
CA ASP A 218 14.32 -17.15 -27.33
C ASP A 218 14.29 -17.99 -26.05
N GLU A 219 14.64 -19.27 -26.14
CA GLU A 219 14.69 -20.19 -24.97
C GLU A 219 15.74 -19.71 -23.96
N ASN A 220 16.74 -18.90 -24.33
CA ASN A 220 17.90 -18.73 -23.43
C ASN A 220 18.35 -17.29 -23.36
N ARG A 221 18.05 -16.49 -24.36
CA ARG A 221 18.64 -15.16 -24.41
C ARG A 221 17.67 -14.13 -24.96
N VAL A 222 18.10 -12.89 -24.78
CA VAL A 222 17.55 -11.74 -25.54
C VAL A 222 18.25 -11.80 -26.89
N LEU A 223 17.49 -11.83 -27.96
CA LEU A 223 17.99 -11.84 -29.34
C LEU A 223 18.44 -10.43 -29.72
N ASN A 224 17.87 -9.37 -29.17
CA ASN A 224 18.19 -8.00 -29.60
C ASN A 224 19.71 -7.74 -29.39
N GLU A 225 20.39 -7.15 -30.37
CA GLU A 225 21.89 -7.07 -30.27
C GLU A 225 22.26 -6.00 -29.25
N ASP A 226 21.54 -4.87 -29.20
CA ASP A 226 22.06 -3.66 -28.54
C ASP A 226 21.72 -3.64 -27.04
N GLY A 227 20.93 -4.59 -26.52
CA GLY A 227 20.85 -4.66 -25.05
C GLY A 227 19.52 -4.10 -24.54
N LEU A 228 19.36 -4.10 -23.23
CA LEU A 228 18.16 -3.70 -22.50
C LEU A 228 18.34 -2.27 -22.08
N ARG A 229 17.24 -1.56 -21.96
CA ARG A 229 17.28 -0.13 -21.52
C ARG A 229 17.34 -0.11 -20.00
N TYR A 230 16.96 -1.23 -19.38
CA TYR A 230 16.77 -1.33 -17.90
C TYR A 230 17.02 -2.77 -17.57
N GLU A 231 17.65 -3.04 -16.43
CA GLU A 231 17.91 -4.39 -15.89
C GLU A 231 16.56 -5.10 -15.85
N ASP A 232 15.50 -4.40 -15.46
CA ASP A 232 14.19 -5.04 -15.26
C ASP A 232 13.22 -4.53 -16.33
N GLU A 233 13.68 -4.39 -17.57
CA GLU A 233 12.86 -3.80 -18.65
C GLU A 233 11.51 -4.53 -18.78
N PHE A 234 11.50 -5.83 -18.67
CA PHE A 234 10.30 -6.66 -18.90
C PHE A 234 9.25 -6.28 -17.88
N VAL A 235 9.63 -6.26 -16.61
CA VAL A 235 8.58 -5.96 -15.58
C VAL A 235 8.16 -4.50 -15.65
N LYS A 236 9.13 -3.63 -15.91
CA LYS A 236 8.83 -2.22 -16.17
C LYS A 236 7.82 -2.09 -17.33
N HIS A 237 7.96 -2.90 -18.37
CA HIS A 237 7.02 -2.80 -19.51
C HIS A 237 5.60 -3.16 -19.03
N LYS A 238 5.46 -4.21 -18.27
CA LYS A 238 4.13 -4.62 -17.76
C LYS A 238 3.52 -3.55 -16.87
N ILE A 239 4.37 -2.88 -16.07
CA ILE A 239 3.95 -1.65 -15.32
C ILE A 239 3.46 -0.59 -16.32
N LEU A 240 4.19 -0.36 -17.42
CA LEU A 240 3.79 0.65 -18.44
C LEU A 240 2.39 0.26 -18.97
N ASP A 241 2.21 -1.01 -19.28
CA ASP A 241 0.97 -1.59 -19.83
C ASP A 241 -0.17 -1.38 -18.83
N ALA A 242 0.09 -1.66 -17.58
CA ALA A 242 -0.92 -1.45 -16.50
C ALA A 242 -1.33 0.01 -16.40
N ILE A 243 -0.36 0.91 -16.47
CA ILE A 243 -0.70 2.34 -16.38
C ILE A 243 -1.62 2.72 -17.54
N GLY A 244 -1.27 2.30 -18.76
CA GLY A 244 -2.12 2.56 -19.94
C GLY A 244 -3.49 1.98 -19.79
N ASP A 245 -3.60 0.71 -19.38
CA ASP A 245 -4.93 0.09 -19.22
C ASP A 245 -5.74 0.81 -18.16
N LEU A 246 -5.11 1.20 -17.08
CA LEU A 246 -5.79 1.82 -15.96
C LEU A 246 -6.37 3.17 -16.41
N TYR A 247 -5.70 3.81 -17.36
CA TYR A 247 -6.14 5.14 -17.78
C TYR A 247 -7.50 5.04 -18.48
N LEU A 248 -7.96 3.84 -18.82
CA LEU A 248 -9.29 3.62 -19.41
C LEU A 248 -10.36 3.94 -18.35
N LEU A 249 -9.99 4.16 -17.12
CA LEU A 249 -10.91 4.75 -16.14
C LEU A 249 -11.26 6.17 -16.56
N GLY A 250 -10.38 6.87 -17.27
CA GLY A 250 -10.66 8.22 -17.77
C GLY A 250 -10.12 9.31 -16.87
N ASN A 251 -9.49 8.95 -15.76
CA ASN A 251 -8.99 9.91 -14.76
C ASN A 251 -7.79 9.27 -14.10
N SER A 252 -6.87 10.12 -13.65
CA SER A 252 -5.75 9.68 -12.81
C SER A 252 -6.30 9.07 -11.54
N LEU A 253 -5.59 8.06 -11.11
CA LEU A 253 -5.87 7.23 -9.94
C LEU A 253 -5.08 7.76 -8.75
N ILE A 254 -5.74 7.86 -7.60
CA ILE A 254 -5.08 8.01 -6.29
C ILE A 254 -5.29 6.66 -5.60
N GLY A 255 -4.24 5.83 -5.61
CA GLY A 255 -4.43 4.42 -5.31
C GLY A 255 -3.22 3.64 -5.76
N GLU A 256 -3.28 2.36 -5.52
CA GLU A 256 -2.15 1.46 -5.81
C GLU A 256 -2.73 0.33 -6.61
N PHE A 257 -2.00 -0.04 -7.62
CA PHE A 257 -2.28 -1.23 -8.41
C PHE A 257 -1.20 -2.24 -8.09
N ARG A 258 -1.56 -3.51 -7.91
CA ARG A 258 -0.63 -4.63 -7.72
C ARG A 258 -1.08 -5.68 -8.71
N GLY A 259 -0.15 -6.05 -9.60
CA GLY A 259 -0.42 -7.06 -10.64
C GLY A 259 0.46 -8.28 -10.44
N PHE A 260 -0.13 -9.45 -10.48
CA PHE A 260 0.67 -10.70 -10.52
C PHE A 260 0.27 -11.41 -11.80
N LYS A 261 1.19 -11.41 -12.76
CA LYS A 261 1.02 -12.05 -14.08
C LYS A 261 -0.25 -11.55 -14.73
N SER A 262 -0.62 -10.29 -14.47
N SER A 262 -0.61 -10.28 -14.47
CA SER A 262 -1.82 -9.68 -15.06
CA SER A 262 -1.81 -9.63 -15.04
C SER A 262 -1.48 -9.21 -16.48
C SER A 262 -1.48 -9.21 -16.48
N GLY A 263 -2.50 -9.01 -17.27
CA GLY A 263 -2.34 -8.59 -18.66
C GLY A 263 -3.55 -7.75 -18.96
N HIS A 264 -3.77 -7.46 -20.24
CA HIS A 264 -4.82 -6.55 -20.65
C HIS A 264 -6.18 -7.11 -20.21
N ALA A 265 -6.39 -8.38 -20.35
CA ALA A 265 -7.69 -9.05 -20.06
C ALA A 265 -8.05 -8.86 -18.58
N LEU A 266 -7.09 -9.17 -17.70
CA LEU A 266 -7.40 -9.10 -16.26
C LEU A 266 -7.43 -7.64 -15.82
N ASN A 267 -6.60 -6.78 -16.40
CA ASN A 267 -6.65 -5.32 -16.06
C ASN A 267 -8.05 -4.78 -16.33
N ASN A 268 -8.59 -5.04 -17.52
CA ASN A 268 -9.95 -4.67 -17.93
C ASN A 268 -11.00 -5.26 -16.97
N GLN A 269 -10.85 -6.50 -16.53
CA GLN A 269 -11.79 -7.13 -15.51
C GLN A 269 -11.62 -6.42 -14.20
N LEU A 270 -10.40 -5.98 -13.90
CA LEU A 270 -10.24 -5.16 -12.68
C LEU A 270 -11.00 -3.82 -12.79
N LEU A 271 -10.84 -3.09 -13.89
CA LEU A 271 -11.51 -1.79 -14.10
C LEU A 271 -13.02 -1.95 -14.00
N ARG A 272 -13.54 -3.01 -14.62
CA ARG A 272 -14.99 -3.23 -14.73
C ARG A 272 -15.54 -3.45 -13.30
N THR A 273 -14.80 -4.19 -12.44
CA THR A 273 -15.19 -4.51 -11.06
C THR A 273 -15.09 -3.25 -10.24
N LEU A 274 -14.00 -2.53 -10.36
CA LEU A 274 -13.88 -1.25 -9.68
C LEU A 274 -15.06 -0.36 -10.02
N ILE A 275 -15.32 -0.18 -11.31
CA ILE A 275 -16.38 0.76 -11.75
C ILE A 275 -17.72 0.37 -11.09
N ALA A 276 -18.08 -0.90 -11.18
CA ALA A 276 -19.27 -1.55 -10.61
C ALA A 276 -19.33 -1.35 -9.11
N ASP A 277 -18.16 -1.35 -8.44
CA ASP A 277 -18.12 -1.21 -6.97
C ASP A 277 -18.03 0.25 -6.53
N LYS A 278 -19.16 0.96 -6.55
CA LYS A 278 -19.24 2.41 -6.31
C LYS A 278 -18.83 2.74 -4.90
N ASP A 279 -18.85 1.80 -3.98
CA ASP A 279 -18.34 2.07 -2.60
C ASP A 279 -16.81 2.06 -2.54
N ALA A 280 -16.14 1.51 -3.54
CA ALA A 280 -14.67 1.31 -3.50
C ALA A 280 -13.98 2.57 -4.03
N TRP A 281 -14.73 3.51 -4.58
CA TRP A 281 -14.02 4.69 -5.14
C TRP A 281 -14.86 5.96 -5.09
N GLU A 282 -14.17 7.08 -5.14
CA GLU A 282 -14.82 8.41 -5.19
C GLU A 282 -14.02 9.31 -6.10
N VAL A 283 -14.67 10.32 -6.64
CA VAL A 283 -14.05 11.35 -7.50
C VAL A 283 -13.63 12.48 -6.59
N VAL A 284 -12.40 12.94 -6.69
CA VAL A 284 -11.93 14.08 -5.89
C VAL A 284 -11.23 15.02 -6.82
N THR A 285 -11.01 16.21 -6.29
CA THR A 285 -10.37 17.37 -6.95
C THR A 285 -9.47 17.97 -5.88
N PHE A 286 -8.59 18.87 -6.26
CA PHE A 286 -7.68 19.51 -5.30
C PHE A 286 -7.80 21.01 -5.56
N GLU A 287 -8.47 21.74 -4.65
CA GLU A 287 -8.49 23.24 -4.57
C GLU A 287 -7.04 23.72 -4.52
N ASP A 288 -6.19 22.97 -3.83
CA ASP A 288 -4.83 23.38 -3.44
C ASP A 288 -3.87 22.27 -3.84
N ALA A 289 -3.05 22.55 -4.85
CA ALA A 289 -1.95 21.65 -5.31
C ALA A 289 -1.15 21.16 -4.11
N ARG A 290 -0.88 22.04 -3.12
CA ARG A 290 0.06 21.74 -1.98
C ARG A 290 -0.45 20.62 -1.07
N THR A 291 -1.74 20.34 -1.04
CA THR A 291 -2.35 19.30 -0.17
C THR A 291 -2.57 18.00 -0.96
N ALA A 292 -2.32 18.01 -2.29
CA ALA A 292 -2.57 16.84 -3.16
C ALA A 292 -1.50 15.79 -2.88
N PRO A 293 -1.86 14.50 -2.98
CA PRO A 293 -0.88 13.43 -2.81
C PRO A 293 -0.09 13.11 -4.07
N ILE A 294 -0.52 13.69 -5.21
CA ILE A 294 0.15 13.56 -6.53
C ILE A 294 0.65 14.96 -6.94
N SER A 295 1.88 15.04 -7.41
CA SER A 295 2.46 16.21 -8.11
C SER A 295 2.75 15.70 -9.52
N TYR A 296 2.24 16.38 -10.54
CA TYR A 296 2.58 16.21 -11.97
C TYR A 296 3.61 17.28 -12.37
N MET A 297 4.61 16.86 -13.14
CA MET A 297 5.57 17.79 -13.81
C MET A 297 4.87 19.07 -14.24
N ARG A 298 5.56 20.21 -14.31
CA ARG A 298 4.98 21.49 -14.82
C ARG A 298 4.48 21.25 -16.25
N PRO A 299 3.33 21.77 -16.72
CA PRO A 299 2.83 21.44 -18.05
C PRO A 299 3.84 21.57 -19.19
N MET B 1 -10.25 20.02 31.58
CA MET B 1 -9.07 19.67 30.78
C MET B 1 -9.05 18.18 30.61
N ILE B 2 -8.41 17.70 29.53
CA ILE B 2 -8.24 16.23 29.40
C ILE B 2 -7.20 15.81 30.42
N LYS B 3 -7.60 14.90 31.28
CA LYS B 3 -6.82 14.48 32.46
C LYS B 3 -6.08 13.20 32.14
N GLN B 4 -4.92 13.05 32.75
CA GLN B 4 -4.18 11.78 32.77
C GLN B 4 -5.05 10.69 33.38
N ARG B 5 -4.84 9.44 32.93
CA ARG B 5 -5.60 8.27 33.41
C ARG B 5 -4.64 7.20 33.89
N THR B 6 -5.07 6.51 34.93
CA THR B 6 -4.42 5.31 35.48
C THR B 6 -5.56 4.36 35.79
N LEU B 7 -5.19 3.20 36.28
CA LEU B 7 -6.15 2.18 36.79
C LEU B 7 -6.73 2.63 38.13
N LYS B 8 -7.99 2.29 38.36
CA LYS B 8 -8.60 2.49 39.69
C LYS B 8 -8.03 1.52 40.69
N ASN B 9 -7.80 0.28 40.30
CA ASN B 9 -7.42 -0.81 41.22
C ASN B 9 -6.32 -1.61 40.50
N ILE B 10 -5.66 -2.41 41.29
CA ILE B 10 -4.68 -3.42 40.81
C ILE B 10 -5.50 -4.51 40.11
N ILE B 11 -4.93 -5.11 39.08
CA ILE B 11 -5.57 -6.31 38.54
C ILE B 11 -4.47 -7.27 38.12
N ARG B 12 -4.84 -8.52 38.18
CA ARG B 12 -3.90 -9.64 38.08
C ARG B 12 -4.40 -10.54 37.00
N ALA B 13 -3.45 -11.09 36.31
CA ALA B 13 -3.72 -12.16 35.34
C ALA B 13 -2.53 -13.09 35.28
N THR B 14 -2.77 -14.29 34.80
CA THR B 14 -1.78 -15.35 34.65
C THR B 14 -1.66 -15.68 33.16
N GLY B 15 -0.45 -15.97 32.65
CA GLY B 15 -0.37 -16.64 31.34
C GLY B 15 1.00 -17.16 31.04
N VAL B 16 1.31 -17.24 29.74
CA VAL B 16 2.57 -17.81 29.22
C VAL B 16 3.15 -16.83 28.18
N GLY B 17 4.46 -16.73 28.17
CA GLY B 17 5.19 -15.98 27.15
C GLY B 17 5.03 -16.70 25.82
N LEU B 18 4.67 -15.97 24.78
CA LEU B 18 4.51 -16.60 23.43
C LEU B 18 5.84 -17.24 23.01
N HIS B 19 6.93 -16.51 23.22
CA HIS B 19 8.28 -16.86 22.74
C HIS B 19 8.98 -17.81 23.72
N SER B 20 9.07 -17.42 24.99
CA SER B 20 9.82 -18.12 26.07
C SER B 20 9.03 -19.38 26.53
N GLY B 21 7.71 -19.39 26.44
CA GLY B 21 6.89 -20.45 26.98
C GLY B 21 6.83 -20.46 28.51
N GLU B 22 7.32 -19.44 29.19
CA GLU B 22 7.49 -19.42 30.66
C GLU B 22 6.19 -18.82 31.20
N LYS B 23 5.71 -19.40 32.26
CA LYS B 23 4.53 -18.94 33.01
C LYS B 23 4.89 -17.63 33.67
N VAL B 24 3.97 -16.68 33.62
CA VAL B 24 4.27 -15.33 34.12
C VAL B 24 2.98 -14.86 34.80
N TYR B 25 3.17 -14.25 35.95
CA TYR B 25 2.16 -13.43 36.63
C TYR B 25 2.32 -11.98 36.18
N LEU B 26 1.19 -11.44 35.79
CA LEU B 26 1.05 -10.04 35.40
C LEU B 26 0.22 -9.38 36.47
N THR B 27 0.66 -8.22 36.85
CA THR B 27 -0.02 -7.39 37.80
C THR B 27 -0.04 -6.01 37.18
N LEU B 28 -1.23 -5.49 36.92
CA LEU B 28 -1.35 -4.09 36.46
C LEU B 28 -1.64 -3.20 37.67
N LYS B 29 -0.88 -2.13 37.90
CA LYS B 29 -1.16 -1.27 39.07
C LYS B 29 -1.30 0.19 38.69
N PRO B 30 -2.13 0.93 39.46
CA PRO B 30 -2.17 2.36 39.31
C PRO B 30 -0.80 2.94 39.43
N ALA B 31 -0.62 4.16 38.88
CA ALA B 31 0.67 4.79 39.03
C ALA B 31 0.44 6.28 39.14
N PRO B 32 1.40 6.98 39.72
CA PRO B 32 1.30 8.43 39.82
C PRO B 32 1.27 9.13 38.44
N VAL B 33 0.76 10.34 38.46
CA VAL B 33 0.84 11.32 37.35
C VAL B 33 2.24 11.31 36.78
N ASP B 34 2.36 11.36 35.45
CA ASP B 34 3.66 11.52 34.76
C ASP B 34 4.59 10.36 34.97
N THR B 35 4.08 9.18 35.36
CA THR B 35 4.90 7.98 35.39
C THR B 35 5.10 7.47 33.97
N GLY B 36 4.03 7.45 33.22
CA GLY B 36 4.01 6.69 31.96
C GLY B 36 3.68 5.23 32.27
N ILE B 37 3.82 4.39 31.24
CA ILE B 37 3.75 2.92 31.42
C ILE B 37 5.15 2.48 31.78
N VAL B 38 5.26 1.67 32.82
CA VAL B 38 6.58 1.20 33.35
C VAL B 38 6.38 -0.28 33.65
N PHE B 39 7.17 -1.05 32.95
CA PHE B 39 7.25 -2.49 33.17
C PHE B 39 8.17 -2.72 34.35
N SER B 40 7.83 -3.68 35.16
CA SER B 40 8.78 -4.01 36.25
C SER B 40 8.92 -5.48 36.37
N ARG B 41 10.18 -5.91 36.46
CA ARG B 41 10.50 -7.31 36.73
C ARG B 41 10.54 -7.55 38.26
N THR B 42 9.48 -8.20 38.78
CA THR B 42 9.25 -8.41 40.25
C THR B 42 9.96 -9.68 40.67
N ASP B 43 10.48 -10.47 39.74
CA ASP B 43 11.28 -11.67 40.05
C ASP B 43 12.73 -11.30 40.34
N LEU B 44 13.14 -10.05 40.17
CA LEU B 44 14.56 -9.63 40.37
C LEU B 44 14.60 -8.85 41.66
N ASP B 45 15.79 -8.81 42.29
CA ASP B 45 16.09 -8.20 43.61
C ASP B 45 17.27 -7.25 43.40
N PRO B 46 17.08 -5.90 43.42
CA PRO B 46 15.74 -5.31 43.58
C PRO B 46 15.01 -5.40 42.22
N VAL B 47 13.73 -5.08 42.31
CA VAL B 47 12.79 -4.85 41.21
C VAL B 47 13.48 -3.87 40.24
N VAL B 48 13.48 -4.20 38.95
CA VAL B 48 13.97 -3.30 37.89
C VAL B 48 12.78 -2.78 37.07
N GLU B 49 12.68 -1.44 37.00
CA GLU B 49 11.59 -0.74 36.29
C GLU B 49 12.15 -0.47 34.91
N ILE B 50 11.40 -0.68 33.87
CA ILE B 50 11.79 -0.19 32.51
C ILE B 50 10.66 0.62 31.95
N PRO B 51 10.83 1.95 31.85
CA PRO B 51 9.81 2.76 31.23
C PRO B 51 9.52 2.24 29.80
N ALA B 52 8.25 2.12 29.41
CA ALA B 52 7.85 1.71 28.03
C ALA B 52 8.14 2.90 27.09
N ARG B 53 9.39 3.06 26.70
CA ARG B 53 9.75 4.25 25.91
C ARG B 53 10.66 3.81 24.77
N ALA B 54 10.65 4.54 23.65
CA ALA B 54 11.46 4.22 22.44
C ALA B 54 12.91 4.01 22.78
N GLU B 55 13.46 4.86 23.62
CA GLU B 55 14.89 4.74 24.06
C GLU B 55 15.17 3.41 24.74
N ASN B 56 14.19 2.65 25.23
CA ASN B 56 14.46 1.40 26.03
C ASN B 56 14.21 0.20 25.14
N VAL B 57 13.98 0.41 23.85
CA VAL B 57 13.68 -0.78 23.00
C VAL B 57 15.03 -1.44 22.69
N GLY B 58 15.14 -2.76 22.79
CA GLY B 58 16.44 -3.41 22.57
C GLY B 58 16.51 -4.42 21.42
N GLU B 59 15.51 -5.26 21.23
CA GLU B 59 15.47 -6.18 20.09
C GLU B 59 14.07 -5.97 19.52
N THR B 60 13.94 -6.24 18.26
CA THR B 60 12.70 -6.15 17.46
C THR B 60 12.69 -7.32 16.51
N THR B 61 12.91 -8.52 17.05
CA THR B 61 12.72 -9.82 16.33
C THR B 61 11.43 -10.48 16.82
N MET B 62 10.44 -10.45 15.97
CA MET B 62 9.16 -11.13 16.21
C MET B 62 8.43 -10.59 17.44
N SER B 63 8.89 -9.48 17.98
CA SER B 63 8.23 -8.77 19.10
C SER B 63 8.94 -7.43 19.28
N THR B 64 8.37 -6.53 20.12
CA THR B 64 9.15 -5.40 20.66
C THR B 64 9.57 -5.79 22.07
N THR B 65 10.87 -5.70 22.31
CA THR B 65 11.54 -6.05 23.58
C THR B 65 12.05 -4.78 24.20
N LEU B 66 11.78 -4.53 25.48
CA LEU B 66 12.47 -3.48 26.26
C LEU B 66 13.66 -4.10 26.96
N VAL B 67 14.78 -3.37 27.04
CA VAL B 67 16.01 -3.77 27.77
C VAL B 67 16.50 -2.57 28.60
N LYS B 68 17.02 -2.81 29.80
CA LYS B 68 17.70 -1.83 30.68
C LYS B 68 18.93 -2.57 31.20
N GLY B 69 20.11 -2.26 30.69
CA GLY B 69 21.32 -3.06 30.97
C GLY B 69 21.03 -4.51 30.69
N ASP B 70 21.11 -5.42 31.64
CA ASP B 70 20.91 -6.86 31.30
C ASP B 70 19.44 -7.29 31.57
N VAL B 71 18.51 -6.39 31.82
CA VAL B 71 17.16 -6.87 32.18
C VAL B 71 16.30 -6.67 30.91
N LYS B 72 15.48 -7.61 30.53
CA LYS B 72 14.54 -7.43 29.38
C LYS B 72 13.09 -7.72 29.77
N VAL B 73 12.20 -7.05 29.06
CA VAL B 73 10.76 -7.41 29.02
C VAL B 73 10.41 -7.57 27.54
N ASP B 74 10.08 -8.77 27.16
CA ASP B 74 9.76 -9.13 25.80
C ASP B 74 8.26 -9.01 25.56
N THR B 75 7.91 -8.82 24.29
CA THR B 75 6.55 -8.84 23.77
C THR B 75 5.66 -7.81 24.46
N VAL B 76 6.06 -6.55 24.43
CA VAL B 76 5.25 -5.51 25.14
C VAL B 76 4.11 -4.99 24.26
N GLU B 77 4.11 -5.32 22.96
CA GLU B 77 3.33 -4.54 21.97
C GLU B 77 1.84 -4.71 22.16
N HIS B 78 1.31 -5.87 22.50
CA HIS B 78 -0.16 -6.04 22.58
C HIS B 78 -0.69 -5.39 23.81
N LEU B 79 0.05 -5.49 24.92
CA LEU B 79 -0.41 -4.83 26.17
C LEU B 79 -0.32 -3.34 25.99
N LEU B 80 0.72 -2.83 25.35
CA LEU B 80 0.83 -1.36 25.13
C LEU B 80 -0.28 -0.90 24.20
N SER B 81 -0.65 -1.76 23.24
CA SER B 81 -1.73 -1.38 22.30
C SER B 81 -2.99 -1.15 23.14
N ALA B 82 -3.25 -2.03 24.10
CA ALA B 82 -4.44 -1.97 24.98
C ALA B 82 -4.38 -0.68 25.82
N MET B 83 -3.20 -0.38 26.35
N MET B 83 -3.21 -0.32 26.35
CA MET B 83 -2.96 0.84 27.15
CA MET B 83 -3.09 0.92 27.16
C MET B 83 -3.25 2.10 26.31
C MET B 83 -3.33 2.15 26.28
N ALA B 84 -2.76 2.12 25.08
CA ALA B 84 -2.96 3.20 24.11
C ALA B 84 -4.43 3.29 23.76
N GLY B 85 -5.06 2.15 23.48
CA GLY B 85 -6.41 2.17 22.93
C GLY B 85 -7.35 2.60 23.99
N LEU B 86 -7.00 2.44 25.26
CA LEU B 86 -7.87 2.91 26.35
C LEU B 86 -7.41 4.22 26.99
N GLY B 87 -6.35 4.82 26.47
CA GLY B 87 -5.89 6.14 26.93
C GLY B 87 -5.26 6.10 28.29
N ILE B 88 -4.66 5.00 28.64
CA ILE B 88 -3.99 4.88 29.97
C ILE B 88 -2.61 5.54 29.86
N ASP B 89 -2.36 6.52 30.74
CA ASP B 89 -1.13 7.33 30.74
C ASP B 89 -0.22 6.64 31.67
N ASN B 90 -0.71 6.35 32.86
CA ASN B 90 0.20 5.93 33.92
C ASN B 90 -0.21 4.51 34.41
N ALA B 91 0.78 3.62 34.53
CA ALA B 91 0.53 2.26 34.99
C ALA B 91 1.84 1.54 35.20
N TYR B 92 1.85 0.72 36.25
CA TYR B 92 3.01 -0.21 36.45
C TYR B 92 2.50 -1.51 35.88
N VAL B 93 3.38 -2.15 35.15
CA VAL B 93 3.09 -3.50 34.62
C VAL B 93 4.13 -4.43 35.25
N GLU B 94 3.73 -5.17 36.28
CA GLU B 94 4.66 -6.08 36.97
C GLU B 94 4.58 -7.45 36.33
N LEU B 95 5.75 -8.03 36.14
CA LEU B 95 5.90 -9.35 35.50
C LEU B 95 6.84 -10.15 36.40
N SER B 96 6.55 -11.41 36.61
CA SER B 96 7.35 -12.40 37.37
C SER B 96 8.36 -13.05 36.44
N ALA B 97 8.43 -12.68 35.16
CA ALA B 97 9.28 -13.34 34.15
C ALA B 97 9.48 -12.34 32.98
N SER B 98 10.37 -12.71 32.05
CA SER B 98 10.99 -11.81 31.05
C SER B 98 9.98 -11.45 29.96
N GLU B 99 8.79 -12.05 29.91
CA GLU B 99 7.87 -11.86 28.75
C GLU B 99 6.42 -11.64 29.25
N VAL B 100 5.79 -10.59 28.73
CA VAL B 100 4.34 -10.31 28.90
C VAL B 100 3.54 -11.54 28.44
N PRO B 101 2.51 -12.00 29.15
CA PRO B 101 1.80 -13.21 28.74
C PRO B 101 1.11 -12.92 27.42
N ILE B 102 1.01 -13.90 26.54
CA ILE B 102 0.40 -13.68 25.23
C ILE B 102 -1.16 -13.68 25.29
N MET B 103 -1.72 -14.29 26.33
CA MET B 103 -3.19 -14.40 26.52
C MET B 103 -3.80 -15.05 25.27
N ASP B 104 -4.75 -14.50 24.54
CA ASP B 104 -5.33 -15.14 23.32
C ASP B 104 -4.61 -14.65 22.01
N GLY B 105 -3.51 -13.90 22.11
CA GLY B 105 -2.72 -13.40 20.97
C GLY B 105 -3.17 -12.02 20.50
N SER B 106 -4.19 -11.47 21.15
CA SER B 106 -4.75 -10.10 20.89
C SER B 106 -4.60 -9.19 22.08
N ALA B 107 -5.25 -8.04 22.01
CA ALA B 107 -5.27 -7.07 23.12
C ALA B 107 -6.59 -7.23 23.88
N GLY B 108 -7.52 -8.06 23.41
CA GLY B 108 -8.86 -8.27 24.02
C GLY B 108 -8.79 -8.53 25.53
N PRO B 109 -8.08 -9.59 25.94
CA PRO B 109 -7.92 -9.90 27.37
C PRO B 109 -7.43 -8.66 28.14
N PHE B 110 -6.50 -7.92 27.56
CA PHE B 110 -5.92 -6.79 28.29
C PHE B 110 -6.92 -5.63 28.39
N VAL B 111 -7.61 -5.34 27.34
CA VAL B 111 -8.67 -4.29 27.40
C VAL B 111 -9.71 -4.68 28.44
N PHE B 112 -10.12 -5.92 28.45
CA PHE B 112 -11.09 -6.38 29.47
C PHE B 112 -10.54 -6.23 30.92
N LEU B 113 -9.31 -6.65 31.14
CA LEU B 113 -8.68 -6.58 32.48
C LEU B 113 -8.60 -5.10 32.89
N ILE B 114 -8.17 -4.24 32.01
CA ILE B 114 -8.05 -2.80 32.31
C ILE B 114 -9.44 -2.25 32.59
N GLN B 115 -10.41 -2.48 31.73
CA GLN B 115 -11.75 -1.88 31.93
C GLN B 115 -12.40 -2.48 33.20
N SER B 116 -12.06 -3.72 33.62
CA SER B 116 -12.54 -4.34 34.89
C SER B 116 -11.83 -3.69 36.11
N ALA B 117 -10.57 -3.35 36.02
CA ALA B 117 -9.83 -2.61 37.07
C ALA B 117 -10.49 -1.25 37.31
N GLY B 118 -11.19 -0.71 36.29
CA GLY B 118 -11.68 0.67 36.31
C GLY B 118 -10.57 1.65 35.94
N LEU B 119 -10.91 2.78 35.36
CA LEU B 119 -9.96 3.87 35.08
C LEU B 119 -10.19 4.95 36.16
N GLN B 120 -9.12 5.67 36.51
CA GLN B 120 -9.09 6.79 37.47
C GLN B 120 -8.49 7.97 36.70
N GLU B 121 -9.22 9.06 36.61
CA GLU B 121 -8.70 10.34 36.09
C GLU B 121 -7.87 10.96 37.22
N GLN B 122 -6.77 11.57 36.85
CA GLN B 122 -5.74 12.07 37.77
C GLN B 122 -5.65 13.59 37.52
N GLU B 123 -5.22 14.32 38.52
CA GLU B 123 -5.07 15.78 38.52
C GLU B 123 -3.75 16.15 37.86
N ALA B 124 -3.73 16.01 36.53
CA ALA B 124 -2.67 16.44 35.64
C ALA B 124 -3.21 16.36 34.22
N ALA B 125 -2.70 17.22 33.38
CA ALA B 125 -3.14 17.32 31.99
C ALA B 125 -2.59 16.12 31.22
N LYS B 126 -3.47 15.42 30.47
CA LYS B 126 -2.94 14.39 29.57
C LYS B 126 -2.06 15.05 28.49
N LYS B 127 -0.85 14.56 28.25
CA LYS B 127 -0.02 15.19 27.20
C LYS B 127 -0.21 14.43 25.92
N PHE B 128 -0.42 15.12 24.78
CA PHE B 128 -0.46 14.55 23.42
C PHE B 128 0.76 14.96 22.63
N ILE B 129 1.27 14.05 21.78
CA ILE B 129 2.31 14.34 20.78
C ILE B 129 1.59 14.62 19.46
N ARG B 130 1.67 15.85 18.98
CA ARG B 130 1.00 16.18 17.72
C ARG B 130 2.03 16.18 16.61
N ILE B 131 1.78 15.41 15.56
CA ILE B 131 2.66 15.34 14.38
C ILE B 131 2.42 16.63 13.61
N LYS B 132 3.48 17.37 13.34
CA LYS B 132 3.42 18.70 12.67
C LYS B 132 3.91 18.62 11.23
N ARG B 133 4.83 17.70 10.97
CA ARG B 133 5.33 17.50 9.60
C ARG B 133 5.41 16.01 9.38
N GLU B 134 5.38 15.64 8.12
CA GLU B 134 5.53 14.26 7.67
C GLU B 134 6.95 13.77 8.06
N VAL B 135 6.97 12.57 8.56
CA VAL B 135 8.20 11.84 8.82
C VAL B 135 8.00 10.44 8.28
N SER B 136 9.00 9.91 7.64
CA SER B 136 8.98 8.66 6.87
C SER B 136 10.25 7.89 7.17
N VAL B 137 10.18 6.59 7.29
CA VAL B 137 11.38 5.73 7.18
C VAL B 137 11.03 4.63 6.20
N GLU B 138 12.04 4.08 5.58
CA GLU B 138 11.86 3.05 4.57
C GLU B 138 13.08 2.17 4.67
N GLU B 139 12.89 0.93 4.41
CA GLU B 139 13.99 -0.06 4.45
C GLU B 139 13.54 -1.08 3.42
N GLY B 140 14.10 -1.01 2.21
CA GLY B 140 13.73 -1.87 1.07
C GLY B 140 12.27 -1.59 0.75
N ASP B 141 11.38 -2.59 0.74
CA ASP B 141 9.99 -2.27 0.35
C ASP B 141 9.11 -2.08 1.58
N LYS B 142 9.66 -2.05 2.77
CA LYS B 142 8.93 -1.64 4.01
C LYS B 142 8.92 -0.12 4.12
N ARG B 143 7.80 0.42 4.59
CA ARG B 143 7.75 1.88 4.82
C ARG B 143 6.83 2.13 6.00
N ALA B 144 7.18 3.08 6.83
CA ALA B 144 6.33 3.57 7.92
C ALA B 144 6.38 5.10 7.87
N VAL B 145 5.23 5.73 7.98
CA VAL B 145 5.19 7.20 7.86
C VAL B 145 4.27 7.78 8.92
N PHE B 146 4.69 8.93 9.48
CA PHE B 146 3.75 9.75 10.27
C PHE B 146 3.39 10.92 9.37
N VAL B 147 2.09 11.22 9.27
CA VAL B 147 1.66 12.49 8.60
C VAL B 147 0.78 13.23 9.58
N PRO B 148 0.81 14.58 9.52
CA PRO B 148 -0.13 15.38 10.27
C PRO B 148 -1.56 14.93 10.00
N PHE B 149 -2.33 14.98 11.07
CA PHE B 149 -3.75 14.60 11.02
C PHE B 149 -4.35 15.04 12.35
N ASP B 150 -5.50 15.68 12.27
CA ASP B 150 -6.22 16.24 13.41
C ASP B 150 -7.06 15.14 14.04
N GLY B 151 -6.44 14.22 14.75
CA GLY B 151 -7.12 13.03 15.29
C GLY B 151 -6.13 11.88 15.38
N PHE B 152 -6.62 10.63 15.31
CA PHE B 152 -5.65 9.51 15.42
C PHE B 152 -6.10 8.44 14.49
N LYS B 153 -5.30 8.22 13.48
CA LYS B 153 -5.67 7.35 12.38
C LYS B 153 -4.48 6.43 12.07
N VAL B 154 -4.78 5.15 11.87
CA VAL B 154 -3.73 4.11 11.63
C VAL B 154 -4.12 3.32 10.39
N SER B 155 -3.23 3.31 9.38
CA SER B 155 -3.41 2.56 8.11
C SER B 155 -2.27 1.57 7.97
N PHE B 156 -2.61 0.44 7.40
CA PHE B 156 -1.65 -0.65 7.22
C PHE B 156 -1.99 -1.41 5.94
N GLU B 157 -0.92 -1.76 5.25
CA GLU B 157 -0.98 -2.58 4.03
C GLU B 157 0.00 -3.73 4.21
N ILE B 158 -0.45 -4.95 3.96
CA ILE B 158 0.44 -6.14 3.94
C ILE B 158 0.36 -6.69 2.52
N ASP B 159 1.27 -7.54 2.11
CA ASP B 159 1.11 -8.28 0.82
C ASP B 159 1.92 -9.56 0.98
N PHE B 160 1.25 -10.60 1.48
CA PHE B 160 1.83 -11.94 1.71
C PHE B 160 1.40 -12.84 0.56
N ASP B 161 2.38 -13.56 0.02
CA ASP B 161 2.16 -14.51 -1.11
C ASP B 161 1.64 -15.83 -0.49
N HIS B 162 0.33 -15.96 -0.30
CA HIS B 162 -0.25 -17.09 0.43
C HIS B 162 -1.74 -17.13 0.14
N PRO B 163 -2.31 -18.33 -0.08
CA PRO B 163 -3.71 -18.47 -0.42
C PRO B 163 -4.65 -17.77 0.56
N VAL B 164 -4.25 -17.80 1.84
CA VAL B 164 -5.14 -17.27 2.91
C VAL B 164 -5.15 -15.74 2.81
N PHE B 165 -4.00 -15.15 2.50
CA PHE B 165 -3.85 -13.65 2.52
C PHE B 165 -4.44 -13.03 1.25
N ARG B 166 -4.18 -13.63 0.07
CA ARG B 166 -4.81 -13.27 -1.21
C ARG B 166 -6.31 -13.26 -1.03
N GLY B 167 -6.87 -14.27 -0.35
CA GLY B 167 -8.32 -14.43 -0.03
C GLY B 167 -8.93 -13.21 0.70
N ARG B 168 -8.14 -12.50 1.51
CA ARG B 168 -8.63 -11.65 2.62
C ARG B 168 -8.08 -10.27 2.30
N THR B 169 -8.83 -9.25 2.69
CA THR B 169 -8.39 -7.84 2.53
C THR B 169 -6.99 -7.69 3.16
N GLN B 170 -6.10 -6.93 2.49
CA GLN B 170 -4.68 -6.74 2.90
C GLN B 170 -4.41 -5.26 3.22
N GLN B 171 -5.42 -4.43 3.28
CA GLN B 171 -5.24 -3.01 3.61
C GLN B 171 -6.37 -2.65 4.59
N ALA B 172 -6.07 -1.84 5.61
CA ALA B 172 -7.14 -1.26 6.44
C ALA B 172 -6.69 0.10 6.92
N SER B 173 -7.64 0.96 7.20
CA SER B 173 -7.44 2.33 7.74
C SER B 173 -8.41 2.45 8.88
N VAL B 174 -7.94 2.74 10.06
CA VAL B 174 -8.86 2.91 11.20
C VAL B 174 -8.68 4.35 11.70
N ASP B 175 -9.78 5.11 11.66
CA ASP B 175 -9.88 6.46 12.22
C ASP B 175 -10.58 6.32 13.57
N PHE B 176 -9.91 6.57 14.67
CA PHE B 176 -10.49 6.42 16.03
C PHE B 176 -11.53 7.52 16.39
N SER B 177 -11.78 8.49 15.51
CA SER B 177 -12.95 9.40 15.65
C SER B 177 -14.22 8.58 15.31
N SER B 178 -14.14 7.63 14.38
CA SER B 178 -15.24 6.91 13.70
C SER B 178 -15.42 5.55 14.39
N THR B 179 -14.36 4.93 14.92
CA THR B 179 -14.22 3.45 15.05
C THR B 179 -13.55 3.15 16.38
N SER B 180 -14.12 2.21 17.07
CA SER B 180 -13.78 1.81 18.44
C SER B 180 -12.51 0.93 18.37
N PHE B 181 -11.48 1.26 19.13
CA PHE B 181 -10.27 0.41 19.23
C PHE B 181 -10.77 -0.94 19.74
N VAL B 182 -11.63 -0.85 20.78
CA VAL B 182 -12.11 -2.08 21.46
C VAL B 182 -12.83 -2.97 20.47
N LYS B 183 -13.81 -2.44 19.74
CA LYS B 183 -14.70 -3.39 18.98
C LYS B 183 -13.97 -3.79 17.69
N GLU B 184 -13.17 -2.91 17.06
CA GLU B 184 -12.68 -3.15 15.66
C GLU B 184 -11.26 -3.68 15.63
N VAL B 185 -10.44 -3.42 16.65
CA VAL B 185 -9.02 -3.80 16.59
C VAL B 185 -8.62 -4.75 17.70
N SER B 186 -9.08 -4.50 18.93
CA SER B 186 -8.49 -5.09 20.15
C SER B 186 -8.46 -6.63 20.02
N ARG B 187 -9.39 -7.24 19.32
CA ARG B 187 -9.54 -8.71 19.33
C ARG B 187 -8.74 -9.34 18.17
N ALA B 188 -7.99 -8.56 17.43
CA ALA B 188 -7.22 -9.06 16.28
C ALA B 188 -6.03 -9.79 16.80
N ARG B 189 -5.98 -11.09 16.54
CA ARG B 189 -4.94 -11.95 17.09
C ARG B 189 -3.68 -11.91 16.22
N THR B 190 -2.59 -12.14 16.88
CA THR B 190 -1.29 -12.42 16.19
C THR B 190 -1.38 -13.70 15.34
N PHE B 191 -0.47 -13.81 14.40
CA PHE B 191 -0.48 -14.88 13.37
C PHE B 191 0.96 -15.32 13.11
N GLY B 192 1.09 -16.62 12.82
CA GLY B 192 2.37 -17.22 12.45
C GLY B 192 2.18 -18.29 11.38
N PHE B 193 3.29 -18.67 10.75
CA PHE B 193 3.34 -19.71 9.69
C PHE B 193 3.95 -20.99 10.24
N MET B 194 3.23 -22.09 10.06
CA MET B 194 3.65 -23.44 10.50
C MET B 194 5.07 -23.69 9.95
N ARG B 195 5.33 -23.30 8.72
CA ARG B 195 6.65 -23.48 8.05
C ARG B 195 7.80 -23.04 8.99
N ASP B 196 7.61 -22.00 9.77
CA ASP B 196 8.68 -21.35 10.56
C ASP B 196 8.77 -21.89 12.00
N ILE B 197 7.90 -22.82 12.42
CA ILE B 197 7.71 -23.04 13.87
C ILE B 197 8.93 -23.76 14.44
N GLU B 198 9.50 -24.78 13.79
CA GLU B 198 10.74 -25.47 14.27
C GLU B 198 11.87 -24.44 14.39
N TYR B 199 12.04 -23.60 13.36
CA TYR B 199 13.09 -22.57 13.39
C TYR B 199 12.85 -21.68 14.62
N LEU B 200 11.64 -21.14 14.78
CA LEU B 200 11.35 -20.23 15.90
C LEU B 200 11.65 -20.93 17.23
N ARG B 201 11.14 -22.16 17.37
CA ARG B 201 11.32 -22.99 18.60
C ARG B 201 12.82 -23.05 18.93
N SER B 202 13.66 -23.30 17.93
CA SER B 202 15.14 -23.32 18.08
C SER B 202 15.63 -21.98 18.65
N GLN B 203 14.91 -20.90 18.41
CA GLN B 203 15.40 -19.53 18.81
C GLN B 203 14.64 -19.07 20.07
N ASN B 204 13.93 -19.96 20.76
CA ASN B 204 13.18 -19.55 21.97
C ASN B 204 12.17 -18.46 21.55
N LEU B 205 11.69 -18.55 20.30
CA LEU B 205 10.50 -17.82 19.86
C LEU B 205 9.50 -18.97 19.78
N ALA B 206 8.25 -18.71 19.85
CA ALA B 206 7.24 -19.77 19.74
C ALA B 206 7.20 -20.83 20.85
N LEU B 207 7.89 -20.81 21.98
CA LEU B 207 7.77 -22.02 22.87
C LEU B 207 6.41 -22.00 23.53
N GLY B 208 5.70 -20.84 23.63
CA GLY B 208 4.37 -20.81 24.25
C GLY B 208 3.27 -20.79 23.24
N GLY B 209 3.58 -20.86 21.95
CA GLY B 209 2.60 -20.67 20.87
C GLY B 209 1.62 -21.83 20.79
N SER B 210 0.40 -21.57 20.38
CA SER B 210 -0.59 -22.62 20.03
C SER B 210 -1.78 -21.95 19.37
N VAL B 211 -2.69 -22.76 18.86
CA VAL B 211 -3.88 -22.23 18.18
C VAL B 211 -4.70 -21.47 19.21
N GLU B 212 -4.46 -21.64 20.52
CA GLU B 212 -5.18 -20.86 21.57
C GLU B 212 -4.62 -19.42 21.66
N ASN B 213 -3.40 -19.16 21.20
CA ASN B 213 -2.86 -17.79 21.34
C ASN B 213 -2.36 -17.23 20.01
N ALA B 214 -2.72 -17.85 18.90
CA ALA B 214 -2.24 -17.35 17.59
C ALA B 214 -3.07 -17.94 16.48
N ILE B 215 -3.28 -17.15 15.43
CA ILE B 215 -3.75 -17.70 14.15
C ILE B 215 -2.55 -18.40 13.54
N VAL B 216 -2.68 -19.71 13.38
CA VAL B 216 -1.59 -20.56 12.84
C VAL B 216 -1.99 -20.93 11.41
N VAL B 217 -1.15 -20.60 10.48
CA VAL B 217 -1.45 -20.77 9.06
C VAL B 217 -0.45 -21.77 8.49
N ASP B 218 -0.92 -22.84 7.82
CA ASP B 218 -0.01 -23.81 7.16
C ASP B 218 0.23 -23.28 5.76
N GLU B 219 0.60 -24.12 4.79
CA GLU B 219 0.90 -23.61 3.41
C GLU B 219 -0.42 -23.17 2.72
N ASN B 220 -1.58 -23.63 3.14
CA ASN B 220 -2.84 -23.41 2.38
C ASN B 220 -3.99 -22.88 3.21
N ARG B 221 -3.94 -23.02 4.54
CA ARG B 221 -5.15 -22.73 5.33
C ARG B 221 -4.77 -22.31 6.75
N VAL B 222 -5.74 -21.65 7.35
CA VAL B 222 -5.78 -21.30 8.80
C VAL B 222 -6.06 -22.61 9.53
N LEU B 223 -5.20 -23.05 10.44
CA LEU B 223 -5.40 -24.30 11.19
C LEU B 223 -6.42 -24.12 12.30
N ASN B 224 -6.61 -22.93 12.83
CA ASN B 224 -7.54 -22.72 13.98
C ASN B 224 -8.93 -23.11 13.55
N GLU B 225 -9.63 -23.96 14.32
CA GLU B 225 -10.89 -24.61 13.86
C GLU B 225 -12.01 -23.55 13.88
N ASP B 226 -12.04 -22.61 14.82
CA ASP B 226 -13.15 -21.61 14.91
C ASP B 226 -12.93 -20.46 13.89
N GLY B 227 -11.78 -20.35 13.20
CA GLY B 227 -11.64 -19.41 12.08
C GLY B 227 -11.13 -18.04 12.52
N LEU B 228 -11.42 -16.99 11.75
CA LEU B 228 -10.98 -15.61 12.06
C LEU B 228 -12.10 -14.88 12.83
N ARG B 229 -11.71 -13.91 13.63
CA ARG B 229 -12.61 -13.04 14.38
C ARG B 229 -13.05 -11.92 13.48
N TYR B 230 -12.27 -11.67 12.47
CA TYR B 230 -12.48 -10.53 11.57
C TYR B 230 -12.01 -11.01 10.19
N GLU B 231 -12.69 -10.56 9.15
CA GLU B 231 -12.33 -10.91 7.77
C GLU B 231 -10.94 -10.27 7.54
N ASP B 232 -10.70 -9.11 8.12
CA ASP B 232 -9.36 -8.44 8.00
C ASP B 232 -8.51 -8.58 9.27
N GLU B 233 -8.55 -9.74 9.90
CA GLU B 233 -7.88 -9.91 11.21
C GLU B 233 -6.37 -9.64 11.04
N PHE B 234 -5.77 -10.19 10.00
CA PHE B 234 -4.29 -10.14 9.87
C PHE B 234 -3.88 -8.67 9.86
N VAL B 235 -4.47 -7.91 8.97
CA VAL B 235 -3.98 -6.48 8.81
C VAL B 235 -4.46 -5.65 10.04
N LYS B 236 -5.64 -5.94 10.60
CA LYS B 236 -6.04 -5.38 11.91
CA LYS B 236 -6.03 -5.36 11.91
C LYS B 236 -4.99 -5.70 12.98
N HIS B 237 -4.42 -6.90 12.98
CA HIS B 237 -3.41 -7.23 14.01
C HIS B 237 -2.17 -6.33 13.81
N LYS B 238 -1.74 -6.11 12.58
CA LYS B 238 -0.54 -5.25 12.33
C LYS B 238 -0.84 -3.81 12.87
N ILE B 239 -2.07 -3.37 12.72
CA ILE B 239 -2.57 -2.05 13.19
C ILE B 239 -2.47 -2.08 14.73
N LEU B 240 -2.88 -3.18 15.36
CA LEU B 240 -2.84 -3.32 16.82
C LEU B 240 -1.36 -3.20 17.23
N ASP B 241 -0.51 -3.94 16.59
CA ASP B 241 0.95 -3.88 16.80
C ASP B 241 1.50 -2.45 16.63
N ALA B 242 1.18 -1.80 15.54
CA ALA B 242 1.63 -0.38 15.35
C ALA B 242 1.12 0.52 16.48
N ILE B 243 -0.14 0.36 16.92
CA ILE B 243 -0.61 1.23 18.01
C ILE B 243 0.26 1.02 19.24
N GLY B 244 0.53 -0.22 19.60
CA GLY B 244 1.36 -0.58 20.76
C GLY B 244 2.77 -0.04 20.58
N ASP B 245 3.37 -0.24 19.42
CA ASP B 245 4.74 0.27 19.20
C ASP B 245 4.77 1.80 19.24
N LEU B 246 3.74 2.45 18.69
CA LEU B 246 3.68 3.94 18.70
C LEU B 246 3.54 4.45 20.12
N TYR B 247 2.95 3.67 21.00
CA TYR B 247 2.74 4.14 22.38
C TYR B 247 4.10 4.28 23.09
N LEU B 248 5.17 3.67 22.56
CA LEU B 248 6.52 3.85 23.11
C LEU B 248 6.95 5.30 22.97
N LEU B 249 6.24 6.12 22.22
CA LEU B 249 6.47 7.59 22.34
C LEU B 249 6.22 8.05 23.78
N GLY B 250 5.34 7.37 24.54
CA GLY B 250 5.07 7.71 25.96
C GLY B 250 3.84 8.58 26.09
N ASN B 251 3.19 8.95 24.99
CA ASN B 251 1.96 9.78 25.00
C ASN B 251 1.16 9.42 23.76
N SER B 252 -0.11 9.69 23.83
CA SER B 252 -1.08 9.50 22.76
C SER B 252 -0.69 10.45 21.64
N LEU B 253 -0.86 9.95 20.45
CA LEU B 253 -0.48 10.63 19.18
C LEU B 253 -1.66 11.35 18.60
N ILE B 254 -1.43 12.59 18.20
CA ILE B 254 -2.34 13.32 17.29
C ILE B 254 -1.69 13.32 15.93
N GLY B 255 -2.19 12.47 15.04
CA GLY B 255 -1.53 12.30 13.73
C GLY B 255 -1.94 10.95 13.14
N GLU B 256 -1.34 10.62 12.02
CA GLU B 256 -1.73 9.45 11.24
C GLU B 256 -0.45 8.64 11.01
N PHE B 257 -0.59 7.36 11.24
CA PHE B 257 0.45 6.38 10.89
C PHE B 257 0.00 5.64 9.64
N ARG B 258 0.92 5.38 8.73
CA ARG B 258 0.66 4.53 7.55
C ARG B 258 1.85 3.60 7.43
N GLY B 259 1.59 2.31 7.54
CA GLY B 259 2.58 1.24 7.46
C GLY B 259 2.39 0.45 6.17
N PHE B 260 3.49 0.14 5.50
CA PHE B 260 3.50 -0.79 4.38
C PHE B 260 4.52 -1.86 4.78
N LYS B 261 3.99 -3.03 5.07
CA LYS B 261 4.73 -4.25 5.50
C LYS B 261 5.68 -3.90 6.62
N SER B 262 5.33 -2.92 7.46
N SER B 262 5.36 -2.88 7.42
CA SER B 262 6.19 -2.46 8.58
CA SER B 262 6.25 -2.45 8.53
C SER B 262 6.06 -3.44 9.73
C SER B 262 6.23 -3.56 9.59
N GLY B 263 7.04 -3.45 10.60
CA GLY B 263 7.08 -4.42 11.71
C GLY B 263 7.69 -3.73 12.85
N HIS B 264 7.93 -4.44 13.93
CA HIS B 264 8.46 -3.74 15.13
C HIS B 264 9.77 -2.97 14.81
N ALA B 265 10.64 -3.47 13.95
CA ALA B 265 11.96 -2.83 13.72
C ALA B 265 11.75 -1.46 13.09
N LEU B 266 10.93 -1.41 12.04
CA LEU B 266 10.73 -0.14 11.30
C LEU B 266 9.81 0.81 12.07
N ASN B 267 8.86 0.26 12.83
CA ASN B 267 8.06 1.10 13.77
C ASN B 267 9.02 1.81 14.72
N ASN B 268 9.93 1.08 15.33
CA ASN B 268 10.91 1.67 16.31
C ASN B 268 11.78 2.75 15.60
N GLN B 269 12.32 2.43 14.42
CA GLN B 269 13.10 3.39 13.55
C GLN B 269 12.25 4.64 13.28
N LEU B 270 10.93 4.49 13.03
CA LEU B 270 10.09 5.69 12.79
C LEU B 270 10.05 6.53 14.05
N LEU B 271 9.80 5.90 15.18
CA LEU B 271 9.73 6.65 16.47
C LEU B 271 11.03 7.42 16.75
N ARG B 272 12.13 6.78 16.57
CA ARG B 272 13.50 7.33 16.76
C ARG B 272 13.76 8.53 15.85
N THR B 273 13.27 8.49 14.61
CA THR B 273 13.47 9.59 13.64
CA THR B 273 13.45 9.59 13.61
C THR B 273 12.49 10.72 13.97
N LEU B 274 11.28 10.39 14.42
CA LEU B 274 10.28 11.38 14.79
C LEU B 274 10.88 12.10 15.96
N ILE B 275 11.35 11.33 16.93
CA ILE B 275 11.81 11.95 18.19
C ILE B 275 12.97 12.90 17.90
N ALA B 276 13.97 12.46 17.17
CA ALA B 276 15.13 13.25 16.73
C ALA B 276 14.73 14.49 15.94
N ASP B 277 13.63 14.41 15.20
CA ASP B 277 13.19 15.53 14.33
C ASP B 277 12.24 16.45 15.12
N LYS B 278 12.81 17.30 15.98
CA LYS B 278 12.08 18.10 17.00
C LYS B 278 11.11 19.03 16.30
N ASP B 279 11.34 19.41 15.03
CA ASP B 279 10.39 20.29 14.34
C ASP B 279 9.17 19.56 13.86
N ALA B 280 9.19 18.24 13.82
CA ALA B 280 8.05 17.48 13.23
C ALA B 280 6.97 17.23 14.29
N TRP B 281 7.21 17.60 15.54
CA TRP B 281 6.19 17.31 16.57
C TRP B 281 6.24 18.31 17.72
N GLU B 282 5.15 18.39 18.44
CA GLU B 282 5.04 19.22 19.68
C GLU B 282 4.15 18.47 20.67
N VAL B 283 4.36 18.70 21.95
CA VAL B 283 3.49 18.22 23.05
C VAL B 283 2.39 19.27 23.24
N VAL B 284 1.15 18.86 23.30
CA VAL B 284 0.01 19.73 23.57
C VAL B 284 -0.82 19.14 24.69
N THR B 285 -1.52 19.98 25.41
CA THR B 285 -2.55 19.59 26.36
C THR B 285 -3.79 20.33 25.95
N PHE B 286 -4.90 19.91 26.52
CA PHE B 286 -6.20 20.50 26.19
C PHE B 286 -6.86 20.91 27.48
N GLU B 287 -7.09 22.20 27.59
CA GLU B 287 -7.82 22.76 28.76
C GLU B 287 -9.29 22.41 28.54
N ASP B 288 -9.71 22.19 27.28
CA ASP B 288 -11.15 21.98 27.04
C ASP B 288 -11.25 20.80 26.14
N ALA B 289 -11.75 19.66 26.63
CA ALA B 289 -11.73 18.33 25.95
C ALA B 289 -12.39 18.47 24.57
N ARG B 290 -13.36 19.40 24.44
CA ARG B 290 -14.21 19.57 23.22
C ARG B 290 -13.41 20.17 22.07
N THR B 291 -12.24 20.74 22.32
CA THR B 291 -11.35 21.33 21.27
C THR B 291 -10.29 20.29 20.85
N ALA B 292 -10.23 19.14 21.51
CA ALA B 292 -9.27 18.05 21.18
C ALA B 292 -9.87 17.26 20.06
N PRO B 293 -9.03 16.80 19.10
CA PRO B 293 -9.54 16.01 18.01
C PRO B 293 -9.65 14.52 18.35
N ILE B 294 -9.33 14.16 19.57
CA ILE B 294 -9.37 12.78 20.17
C ILE B 294 -10.22 12.92 21.43
N SER B 295 -11.14 12.00 21.70
CA SER B 295 -11.88 11.95 22.99
C SER B 295 -11.75 10.53 23.57
N TYR B 296 -12.05 10.30 24.86
CA TYR B 296 -11.83 8.98 25.53
C TYR B 296 -13.13 8.50 26.19
N MET B 297 -13.19 7.18 26.45
CA MET B 297 -14.26 6.48 27.21
C MET B 297 -14.43 7.16 28.58
N ARG B 298 -15.48 6.81 29.33
CA ARG B 298 -16.03 7.56 30.50
C ARG B 298 -15.08 7.46 31.74
ZN ZN C . 2.81 -3.41 -23.87
N1 H2Z D . 11.03 -10.25 -39.00
N3 H2Z D . 1.14 -5.52 -24.67
C4 H2Z D . 5.18 -8.50 -29.58
C5 H2Z D . 6.33 -8.62 -30.30
C6 H2Z D . 5.85 -9.29 -31.54
C7 H2Z D . 6.62 -9.65 -32.60
C8 H2Z D . 7.34 -9.92 -33.52
C10 H2Z D . 7.71 -10.61 -35.80
C13 H2Z D . 10.50 -10.60 -35.39
C15 H2Z D . 11.03 -11.35 -37.84
C17 H2Z D . 11.99 -8.19 -39.84
C20 H2Z D . 4.42 -9.50 -31.41
C21 H2Z D . 2.99 -8.83 -29.40
C22 H2Z D . 0.88 -8.16 -24.72
C24 H2Z D . 4.56 -7.79 -22.99
O5 H2Z D . 2.23 -7.75 -22.02
S H2Z D . 2.95 -8.26 -23.11
O H2Z D . 2.87 -9.73 -23.11
C H2Z D . 2.29 -7.65 -24.57
C23 H2Z D . 2.25 -6.06 -24.52
O4 H2Z D . 3.29 -5.41 -24.34
O3 H2Z D . 1.04 -4.18 -24.64
C1 H2Z D . 3.18 -8.12 -25.79
C2 H2Z D . 2.50 -7.81 -27.06
N H2Z D . 3.32 -8.22 -28.23
O2 H2Z D . 1.85 -9.21 -29.74
N2 H2Z D . 4.17 -8.97 -30.16
C3 H2Z D . 4.85 -7.87 -28.12
C9 H2Z D . 8.20 -10.25 -34.55
C12 H2Z D . 9.60 -10.24 -34.33
C14 H2Z D . 10.00 -10.95 -36.63
C11 H2Z D . 8.60 -10.96 -36.85
C19 H2Z D . 9.73 -9.83 -39.29
C18 H2Z D . 9.74 -8.93 -40.56
O1 H2Z D . 10.67 -7.76 -40.34
C16 H2Z D . 11.81 -9.13 -38.62
H25 H2Z D . 0.33 -6.08 -24.82
H6 H2Z D . 7.26 -8.25 -29.89
H7 H2Z D . 6.64 -10.62 -35.97
H10 H2Z D . 11.57 -10.58 -35.22
H11 H2Z D . 10.74 -12.32 -38.26
H12 H2Z D . 12.03 -11.46 -37.45
H16 H2Z D . 12.54 -8.71 -40.63
H15 H2Z D . 12.58 -7.31 -39.54
H21 H2Z D . 3.62 -9.93 -31.99
H22 H2Z D . 0.63 -8.76 -23.89
H24 H2Z D . 0.80 -8.74 -25.60
H23 H2Z D . 0.22 -7.35 -24.78
H27 H2Z D . 4.68 -7.21 -22.11
H29 H2Z D . 4.82 -7.23 -23.83
H28 H2Z D . 5.18 -8.66 -22.93
H26 H2Z D . 0.24 -3.76 -24.97
H H2Z D . 3.36 -9.20 -25.73
H1 H2Z D . 4.14 -7.62 -25.77
H2 H2Z D . 2.30 -6.75 -27.11
H3 H2Z D . 1.55 -8.34 -27.09
H5 H2Z D . 5.35 -8.41 -27.32
H4 H2Z D . 5.04 -6.81 -28.08
H9 H2Z D . 9.99 -9.97 -33.36
H8 H2Z D . 8.21 -11.24 -37.83
H20 H2Z D . 9.31 -9.27 -38.45
H19 H2Z D . 9.09 -10.70 -39.47
H17 H2Z D . 8.74 -8.57 -40.77
H18 H2Z D . 10.09 -9.51 -41.42
H14 H2Z D . 12.79 -9.47 -38.27
H13 H2Z D . 11.32 -8.59 -37.81
ZN ZN E . 1.44 -8.62 17.42
N3 H2Z F . 4.08 -9.24 16.86
C4 H2Z F . 3.59 -16.11 16.59
C5 H2Z F . 2.90 -17.29 16.59
C6 H2Z F . 3.92 -18.22 17.02
C7 H2Z F . 3.75 -19.59 17.19
C8 H2Z F . 3.56 -20.78 17.30
C10 H2Z F . 2.04 -22.63 17.04
C13 H2Z F . 4.04 -24.37 18.15
C15 H2Z F . 2.49 -26.41 17.91
C20 H2Z F . 5.11 -17.51 17.23
C21 H2Z F . 5.39 -15.02 16.91
C22 H2Z F . 5.75 -10.24 15.02
C24 H2Z F . 2.11 -10.74 13.28
O5 H2Z F . 3.75 -8.88 13.22
S H2Z F . 3.66 -10.28 13.38
O H2Z F . 4.43 -10.93 12.36
C H2Z F . 4.29 -10.70 14.92
C23 H2Z F . 3.44 -10.00 16.07
O4 H2Z F . 2.24 -10.21 16.16
O3 H2Z F . 3.41 -8.59 17.86
C1 H2Z F . 4.19 -12.24 15.09
C2 H2Z F . 4.70 -12.63 16.34
N H2Z F . 4.55 -14.11 16.53
O2 H2Z F . 6.62 -14.84 17.22
N2 H2Z F . 4.72 -16.22 16.91
C3 H2Z F . 3.19 -14.65 16.24
C9 H2Z F . 3.31 -22.09 17.44
C12 H2Z F . 4.30 -22.96 17.99
C14 H2Z F . 2.78 -24.90 17.74
C11 H2Z F . 1.78 -24.03 17.19
H25 H2Z F . 5.07 -9.10 16.74
H6 H2Z F . 1.85 -17.30 16.30
H7 H2Z F . 1.28 -21.97 16.62
H10 H2Z F . 4.80 -25.01 18.57
H11 H2Z F . 2.59 -26.72 18.90
H12 H2Z F . 3.28 -26.99 17.42
H21 H2Z F . 6.12 -17.71 17.53
H22 H2Z F . 6.03 -9.75 14.12
H24 H2Z F . 6.38 -11.07 15.17
H23 H2Z F . 5.85 -9.58 15.83
H27 H2Z F . 1.50 -9.89 13.11
H29 H2Z F . 1.82 -11.21 14.17
H28 H2Z F . 2.00 -11.42 12.47
H26 H2Z F . 3.90 -8.25 18.60
H H2Z F . 4.76 -12.73 14.30
H1 H2Z F . 3.15 -12.54 15.02
H2 H2Z F . 4.18 -12.09 17.14
H3 H2Z F . 5.75 -12.36 16.41
H5 H2Z F . 2.90 -14.53 15.21
H4 H2Z F . 2.43 -14.26 16.92
H9 H2Z F . 5.26 -22.55 18.30
H8 H2Z F . 0.82 -24.43 16.89
#